data_2X64
#
_entry.id   2X64
#
_cell.length_a   47.670
_cell.length_b   87.890
_cell.length_c   90.780
_cell.angle_alpha   116.53
_cell.angle_beta   99.33
_cell.angle_gamma   94.49
#
_symmetry.space_group_name_H-M   'P 1'
#
loop_
_entity.id
_entity.type
_entity.pdbx_description
1 polymer GLUTATHIONE-S-TRANSFERASE
2 non-polymer 'CHLORIDE ION'
3 non-polymer GLUTATHIONE
4 water water
#
_entity_poly.entity_id   1
_entity_poly.type   'polypeptide(L)'
_entity_poly.pdbx_seq_one_letter_code
;HHMKLYIMPGACSLADHILLRWSGSSFDLQFLDHQSMKAPEYLALNPSGAVPALQVGDWVLTQNAAILNYITDIAPAERG
LSGDGSLKARAEINRWIAFSNSDVHPMYWALFGGTAYLQDPQMIARSQDNARQKLRVLYQRADAHLKHHNWLANGQRSGA
DAYLYVTLRWAKKVGVDLSSLDALSAFFERMEADPGVQAALQAEGLI
;
_entity_poly.pdbx_strand_id   A,B,C,D,E,F
#
# COMPACT_ATOMS: atom_id res chain seq x y z
N HIS A 2 -5.69 0.33 27.16
CA HIS A 2 -6.75 -0.69 27.19
C HIS A 2 -6.19 -2.12 27.20
N MET A 3 -5.24 -2.45 26.29
CA MET A 3 -4.57 -3.74 26.26
C MET A 3 -3.56 -3.86 27.39
N LYS A 4 -3.52 -5.01 28.05
CA LYS A 4 -2.59 -5.29 29.14
C LYS A 4 -1.77 -6.53 28.82
N LEU A 5 -0.44 -6.38 28.83
CA LEU A 5 0.47 -7.49 28.59
C LEU A 5 1.09 -7.95 29.91
N TYR A 6 0.85 -9.21 30.26
CA TYR A 6 1.38 -9.86 31.45
C TYR A 6 2.78 -10.37 31.11
N ILE A 7 3.79 -9.76 31.73
CA ILE A 7 5.22 -10.04 31.50
C ILE A 7 5.96 -10.53 32.73
N MET A 8 7.14 -11.07 32.47
CA MET A 8 8.16 -11.46 33.41
C MET A 8 9.41 -10.89 32.73
N PRO A 9 10.18 -10.00 33.42
CA PRO A 9 11.33 -9.37 32.76
C PRO A 9 12.32 -10.34 32.11
N GLY A 10 12.57 -10.11 30.82
CA GLY A 10 13.48 -10.91 30.01
C GLY A 10 12.96 -12.24 29.49
N ALA A 11 11.71 -12.60 29.88
CA ALA A 11 11.06 -13.85 29.45
C ALA A 11 10.63 -13.73 28.00
N CYS A 12 10.05 -14.81 27.43
CA CYS A 12 9.54 -14.86 26.05
C CYS A 12 8.54 -13.72 25.79
N SER A 13 7.85 -13.26 26.85
CA SER A 13 6.89 -12.16 26.84
C SER A 13 7.52 -10.81 26.39
N LEU A 14 8.87 -10.70 26.35
CA LEU A 14 9.61 -9.52 25.91
C LEU A 14 9.43 -9.35 24.40
N ALA A 15 9.26 -10.47 23.66
CA ALA A 15 9.02 -10.50 22.20
C ALA A 15 7.74 -9.74 21.84
N ASP A 16 6.67 -9.97 22.62
CA ASP A 16 5.36 -9.33 22.45
C ASP A 16 5.43 -7.87 22.81
N HIS A 17 6.22 -7.56 23.87
CA HIS A 17 6.50 -6.21 24.37
C HIS A 17 7.19 -5.39 23.30
N ILE A 18 8.27 -5.92 22.70
CA ILE A 18 9.02 -5.29 21.62
C ILE A 18 8.06 -4.99 20.43
N LEU A 19 7.27 -5.99 19.99
CA LEU A 19 6.33 -5.83 18.88
C LEU A 19 5.24 -4.78 19.17
N LEU A 20 4.70 -4.76 20.42
CA LEU A 20 3.70 -3.77 20.84
C LEU A 20 4.23 -2.34 20.67
N ARG A 21 5.53 -2.12 20.94
CA ARG A 21 6.23 -0.84 20.77
C ARG A 21 6.40 -0.49 19.32
N TRP A 22 6.80 -1.47 18.50
CA TRP A 22 6.97 -1.33 17.05
C TRP A 22 5.64 -0.99 16.35
N SER A 23 4.51 -1.53 16.85
CA SER A 23 3.16 -1.34 16.31
C SER A 23 2.60 0.06 16.59
N GLY A 24 3.13 0.72 17.63
CA GLY A 24 2.68 2.04 18.05
C GLY A 24 1.41 2.03 18.86
N SER A 25 0.95 0.81 19.24
CA SER A 25 -0.24 0.58 20.05
C SER A 25 -0.06 1.02 21.49
N SER A 26 -1.18 1.45 22.11
CA SER A 26 -1.29 1.87 23.50
C SER A 26 -1.47 0.59 24.30
N PHE A 27 -0.67 0.42 25.36
CA PHE A 27 -0.72 -0.79 26.18
C PHE A 27 -0.19 -0.55 27.59
N ASP A 28 -0.60 -1.44 28.52
CA ASP A 28 -0.15 -1.46 29.91
C ASP A 28 0.64 -2.74 30.14
N LEU A 29 1.64 -2.67 31.00
CA LEU A 29 2.43 -3.83 31.37
C LEU A 29 2.01 -4.30 32.75
N GLN A 30 1.99 -5.63 32.92
CA GLN A 30 1.66 -6.28 34.17
C GLN A 30 2.83 -7.17 34.52
N PHE A 31 3.56 -6.79 35.57
CA PHE A 31 4.76 -7.51 36.00
C PHE A 31 4.43 -8.72 36.88
N LEU A 32 4.99 -9.90 36.52
CA LEU A 32 4.80 -11.15 37.27
C LEU A 32 6.12 -11.79 37.74
N ASP A 33 6.04 -12.68 38.76
CA ASP A 33 7.13 -13.48 39.36
C ASP A 33 6.80 -14.94 39.06
N HIS A 34 7.74 -15.86 39.36
CA HIS A 34 7.52 -17.30 39.23
C HIS A 34 6.50 -17.73 40.32
N GLN A 35 6.30 -16.85 41.33
CA GLN A 35 5.37 -17.00 42.44
C GLN A 35 4.00 -16.40 42.08
N SER A 36 3.96 -15.12 41.63
CA SER A 36 2.72 -14.43 41.26
C SER A 36 1.96 -15.03 40.06
N MET A 37 2.67 -15.75 39.16
CA MET A 37 2.09 -16.45 38.02
C MET A 37 1.26 -17.66 38.48
N LYS A 38 1.73 -18.32 39.58
CA LYS A 38 1.09 -19.50 40.19
C LYS A 38 0.01 -19.13 41.22
N ALA A 39 -0.21 -17.82 41.43
CA ALA A 39 -1.23 -17.28 42.34
C ALA A 39 -2.64 -17.43 41.70
N PRO A 40 -3.73 -17.62 42.50
CA PRO A 40 -5.07 -17.83 41.89
C PRO A 40 -5.63 -16.69 41.03
N GLU A 41 -5.22 -15.43 41.28
CA GLU A 41 -5.65 -14.24 40.53
C GLU A 41 -5.26 -14.32 39.05
N TYR A 42 -3.99 -14.67 38.76
CA TYR A 42 -3.49 -14.84 37.39
C TYR A 42 -3.92 -16.19 36.80
N LEU A 43 -4.02 -17.24 37.65
CA LEU A 43 -4.47 -18.57 37.21
C LEU A 43 -5.93 -18.55 36.71
N ALA A 44 -6.70 -17.53 37.12
CA ALA A 44 -8.09 -17.31 36.69
C ALA A 44 -8.09 -16.78 35.24
N LEU A 45 -7.04 -16.01 34.87
CA LEU A 45 -6.84 -15.43 33.54
C LEU A 45 -6.19 -16.48 32.61
N ASN A 46 -5.07 -17.06 33.06
CA ASN A 46 -4.33 -18.11 32.36
C ASN A 46 -4.12 -19.32 33.30
N PRO A 47 -4.93 -20.41 33.13
CA PRO A 47 -4.76 -21.60 33.97
C PRO A 47 -3.42 -22.33 33.81
N SER A 48 -2.73 -22.12 32.66
CA SER A 48 -1.42 -22.70 32.36
C SER A 48 -0.31 -22.12 33.25
N GLY A 49 -0.57 -20.98 33.90
CA GLY A 49 0.32 -20.29 34.81
C GLY A 49 1.65 -19.91 34.20
N ALA A 50 1.59 -19.36 32.98
CA ALA A 50 2.76 -18.97 32.20
C ALA A 50 2.54 -17.64 31.48
N VAL A 51 3.64 -16.93 31.23
CA VAL A 51 3.62 -15.68 30.46
C VAL A 51 4.06 -16.03 29.03
N PRO A 52 3.65 -15.28 27.98
CA PRO A 52 2.78 -14.09 28.00
C PRO A 52 1.28 -14.36 28.07
N ALA A 53 0.56 -13.31 28.39
CA ALA A 53 -0.89 -13.21 28.35
C ALA A 53 -1.18 -11.79 27.93
N LEU A 54 -2.07 -11.63 26.96
CA LEU A 54 -2.50 -10.32 26.51
C LEU A 54 -4.00 -10.19 26.78
N GLN A 55 -4.36 -9.25 27.65
CA GLN A 55 -5.76 -8.99 27.97
C GLN A 55 -6.29 -7.82 27.15
N VAL A 56 -7.34 -8.08 26.36
CA VAL A 56 -8.00 -7.08 25.53
C VAL A 56 -9.44 -7.07 26.05
N GLY A 57 -9.73 -6.15 26.96
CA GLY A 57 -11.02 -6.08 27.62
C GLY A 57 -11.15 -7.23 28.61
N ASP A 58 -12.15 -8.10 28.40
CA ASP A 58 -12.41 -9.29 29.21
C ASP A 58 -11.66 -10.51 28.68
N TRP A 59 -11.28 -10.45 27.39
CA TRP A 59 -10.61 -11.51 26.65
C TRP A 59 -9.13 -11.60 26.98
N VAL A 60 -8.69 -12.81 27.32
CA VAL A 60 -7.28 -13.10 27.60
C VAL A 60 -6.72 -14.04 26.49
N LEU A 61 -5.70 -13.57 25.77
CA LEU A 61 -5.03 -14.33 24.71
C LEU A 61 -3.70 -14.82 25.28
N THR A 62 -3.35 -16.11 25.11
CA THR A 62 -2.17 -16.63 25.79
C THR A 62 -0.99 -17.16 25.03
N GLN A 63 -1.05 -17.31 23.71
CA GLN A 63 0.17 -17.88 23.12
C GLN A 63 1.09 -16.86 22.46
N ASN A 64 2.42 -16.96 22.71
CA ASN A 64 3.42 -16.06 22.10
C ASN A 64 3.15 -15.86 20.59
N ALA A 65 3.00 -16.98 19.84
CA ALA A 65 2.72 -17.03 18.41
C ALA A 65 1.38 -16.35 18.09
N ALA A 66 0.34 -16.59 18.91
CA ALA A 66 -1.00 -16.00 18.76
C ALA A 66 -0.98 -14.51 19.09
N ILE A 67 -0.30 -14.11 20.18
CA ILE A 67 -0.15 -12.71 20.61
C ILE A 67 0.61 -11.88 19.56
N LEU A 68 1.76 -12.40 19.07
CA LEU A 68 2.57 -11.77 18.04
C LEU A 68 1.75 -11.56 16.78
N ASN A 69 0.95 -12.57 16.37
CA ASN A 69 0.10 -12.46 15.18
C ASN A 69 -1.04 -11.48 15.36
N TYR A 70 -1.64 -11.43 16.58
CA TYR A 70 -2.70 -10.51 16.92
C TYR A 70 -2.18 -9.06 16.84
N ILE A 71 -1.02 -8.77 17.47
CA ILE A 71 -0.39 -7.45 17.44
C ILE A 71 -0.15 -7.03 15.98
N THR A 72 0.39 -7.97 15.15
CA THR A 72 0.64 -7.74 13.71
C THR A 72 -0.66 -7.36 12.99
N ASP A 73 -1.74 -8.11 13.24
CA ASP A 73 -3.07 -7.92 12.64
C ASP A 73 -3.70 -6.57 12.93
N ILE A 74 -3.49 -6.04 14.15
CA ILE A 74 -4.06 -4.77 14.59
C ILE A 74 -3.19 -3.54 14.22
N ALA A 75 -1.89 -3.76 13.95
CA ALA A 75 -0.94 -2.70 13.63
C ALA A 75 -1.27 -2.01 12.31
N PRO A 76 -1.19 -0.66 12.23
CA PRO A 76 -1.45 0.03 10.95
C PRO A 76 -0.41 -0.40 9.92
N ALA A 77 -0.83 -0.63 8.67
CA ALA A 77 0.02 -1.08 7.56
C ALA A 77 1.32 -0.27 7.42
N GLU A 78 1.27 1.05 7.71
CA GLU A 78 2.42 1.95 7.64
C GLU A 78 3.58 1.56 8.57
N ARG A 79 3.28 0.77 9.63
CA ARG A 79 4.26 0.27 10.60
C ARG A 79 5.18 -0.80 9.99
N GLY A 80 4.75 -1.39 8.87
CA GLY A 80 5.48 -2.38 8.09
C GLY A 80 5.79 -3.67 8.82
N LEU A 81 4.87 -4.15 9.67
CA LEU A 81 5.06 -5.38 10.44
C LEU A 81 4.46 -6.63 9.78
N SER A 82 3.74 -6.46 8.63
CA SER A 82 3.10 -7.54 7.86
C SER A 82 3.73 -7.69 6.46
N GLY A 83 4.88 -7.04 6.24
CA GLY A 83 5.56 -7.02 4.95
C GLY A 83 4.69 -6.29 3.94
N ASP A 84 4.51 -6.90 2.74
CA ASP A 84 3.61 -6.35 1.71
C ASP A 84 2.12 -6.67 2.01
N GLY A 85 1.87 -7.38 3.10
CA GLY A 85 0.54 -7.74 3.56
C GLY A 85 -0.09 -8.93 2.86
N SER A 86 0.67 -9.60 1.97
CA SER A 86 0.17 -10.78 1.28
C SER A 86 0.20 -12.00 2.19
N LEU A 87 -0.42 -13.10 1.71
CA LEU A 87 -0.46 -14.38 2.41
C LEU A 87 0.92 -15.00 2.52
N LYS A 88 1.74 -14.90 1.47
CA LYS A 88 3.14 -15.33 1.46
C LYS A 88 3.97 -14.52 2.50
N ALA A 89 3.73 -13.18 2.62
CA ALA A 89 4.41 -12.30 3.58
C ALA A 89 4.09 -12.72 5.02
N ARG A 90 2.81 -13.05 5.28
CA ARG A 90 2.37 -13.51 6.59
C ARG A 90 2.90 -14.90 6.92
N ALA A 91 3.06 -15.74 5.88
CA ALA A 91 3.60 -17.10 5.99
C ALA A 91 5.10 -17.08 6.32
N GLU A 92 5.83 -16.11 5.79
CA GLU A 92 7.27 -15.91 6.03
C GLU A 92 7.51 -15.48 7.46
N ILE A 93 6.66 -14.57 7.99
CA ILE A 93 6.68 -14.12 9.38
C ILE A 93 6.37 -15.32 10.29
N ASN A 94 5.29 -16.07 9.96
CA ASN A 94 4.87 -17.27 10.70
C ASN A 94 5.90 -18.38 10.81
N ARG A 95 6.64 -18.65 9.70
CA ARG A 95 7.66 -19.71 9.70
C ARG A 95 8.82 -19.38 10.66
N TRP A 96 9.23 -18.10 10.70
CA TRP A 96 10.29 -17.62 11.58
C TRP A 96 9.83 -17.46 13.03
N ILE A 97 8.53 -17.13 13.25
CA ILE A 97 7.95 -17.11 14.60
C ILE A 97 7.96 -18.56 15.13
N ALA A 98 7.50 -19.53 14.31
CA ALA A 98 7.44 -20.96 14.65
C ALA A 98 8.84 -21.57 14.92
N PHE A 99 9.85 -21.07 14.21
CA PHE A 99 11.25 -21.49 14.39
C PHE A 99 11.69 -21.18 15.85
N SER A 100 11.45 -19.95 16.33
CA SER A 100 11.80 -19.58 17.70
C SER A 100 10.89 -20.25 18.70
N ASN A 101 9.58 -20.25 18.40
CA ASN A 101 8.53 -20.80 19.25
C ASN A 101 8.61 -22.29 19.52
N SER A 102 8.75 -23.09 18.45
CA SER A 102 8.70 -24.55 18.55
C SER A 102 10.03 -25.31 18.34
N ASP A 103 11.07 -24.65 17.84
CA ASP A 103 12.37 -25.29 17.66
C ASP A 103 13.38 -24.77 18.65
N VAL A 104 13.54 -23.43 18.73
CA VAL A 104 14.51 -22.79 19.63
C VAL A 104 14.07 -22.83 21.09
N HIS A 105 12.94 -22.17 21.41
CA HIS A 105 12.41 -22.06 22.78
C HIS A 105 12.36 -23.39 23.56
N PRO A 106 11.78 -24.51 23.04
CA PRO A 106 11.79 -25.76 23.82
C PRO A 106 13.17 -26.39 24.07
N MET A 107 14.16 -26.07 23.24
CA MET A 107 15.53 -26.56 23.42
C MET A 107 16.19 -25.94 24.67
N TYR A 108 15.59 -24.85 25.20
CA TYR A 108 16.06 -24.16 26.40
C TYR A 108 15.55 -24.80 27.69
N TRP A 109 14.59 -25.74 27.60
CA TRP A 109 13.99 -26.40 28.77
C TRP A 109 14.99 -26.96 29.76
N ALA A 110 16.03 -27.66 29.27
CA ALA A 110 17.09 -28.26 30.09
C ALA A 110 17.98 -27.20 30.75
N LEU A 111 18.12 -26.04 30.10
CA LEU A 111 18.94 -24.91 30.57
C LEU A 111 18.20 -24.04 31.58
N PHE A 112 16.90 -24.31 31.77
CA PHE A 112 16.08 -23.56 32.72
C PHE A 112 15.40 -24.50 33.75
N GLY A 113 16.16 -25.53 34.16
CA GLY A 113 15.81 -26.52 35.18
C GLY A 113 14.81 -27.61 34.81
N GLY A 114 14.52 -27.77 33.52
CA GLY A 114 13.57 -28.75 33.02
C GLY A 114 13.97 -30.20 33.13
N THR A 115 15.28 -30.45 33.34
CA THR A 115 15.84 -31.81 33.48
C THR A 115 16.27 -32.15 34.92
N ALA A 116 15.74 -31.42 35.92
CA ALA A 116 16.03 -31.66 37.34
C ALA A 116 15.62 -33.07 37.81
N TYR A 117 14.57 -33.67 37.16
CA TYR A 117 14.07 -35.03 37.42
C TYR A 117 15.16 -36.10 37.25
N LEU A 118 16.22 -35.80 36.45
CA LEU A 118 17.34 -36.73 36.22
C LEU A 118 18.09 -37.04 37.52
N GLN A 119 18.07 -36.07 38.47
CA GLN A 119 18.70 -36.10 39.80
C GLN A 119 20.24 -36.07 39.80
N ASP A 120 20.86 -36.90 38.94
CA ASP A 120 22.33 -37.02 38.80
C ASP A 120 22.92 -35.72 38.25
N PRO A 121 23.86 -35.06 38.98
CA PRO A 121 24.45 -33.79 38.50
C PRO A 121 25.14 -33.89 37.12
N GLN A 122 25.86 -34.99 36.87
CA GLN A 122 26.56 -35.24 35.60
C GLN A 122 25.57 -35.41 34.45
N MET A 123 24.44 -36.12 34.69
CA MET A 123 23.37 -36.30 33.70
C MET A 123 22.67 -34.99 33.37
N ILE A 124 22.39 -34.15 34.41
CA ILE A 124 21.78 -32.82 34.26
C ILE A 124 22.70 -31.95 33.40
N ALA A 125 24.01 -31.96 33.68
CA ALA A 125 25.03 -31.22 32.92
C ALA A 125 25.12 -31.66 31.47
N ARG A 126 25.02 -32.98 31.21
CA ARG A 126 25.02 -33.54 29.84
C ARG A 126 23.80 -33.07 29.06
N SER A 127 22.63 -32.99 29.74
CA SER A 127 21.37 -32.51 29.15
C SER A 127 21.51 -31.04 28.77
N GLN A 128 22.25 -30.24 29.58
CA GLN A 128 22.50 -28.83 29.32
C GLN A 128 23.47 -28.66 28.15
N ASP A 129 24.51 -29.50 28.09
CA ASP A 129 25.50 -29.49 27.00
C ASP A 129 24.82 -29.82 25.67
N ASN A 130 23.94 -30.83 25.67
CA ASN A 130 23.15 -31.25 24.51
C ASN A 130 22.25 -30.09 24.01
N ALA A 131 21.55 -29.39 24.93
CA ALA A 131 20.68 -28.27 24.64
C ALA A 131 21.50 -27.16 23.95
N ARG A 132 22.72 -26.90 24.45
CA ARG A 132 23.66 -25.91 23.91
C ARG A 132 24.16 -26.29 22.52
N GLN A 133 24.45 -27.58 22.28
CA GLN A 133 24.92 -28.07 20.98
C GLN A 133 23.81 -27.98 19.92
N LYS A 134 22.57 -28.34 20.30
CA LYS A 134 21.43 -28.30 19.40
C LYS A 134 21.07 -26.85 19.05
N LEU A 135 21.25 -25.91 20.01
CA LEU A 135 20.95 -24.51 19.75
C LEU A 135 21.98 -23.86 18.81
N ARG A 136 23.30 -24.14 19.00
CA ARG A 136 24.31 -23.62 18.09
C ARG A 136 23.94 -24.06 16.67
N VAL A 137 23.53 -25.33 16.49
CA VAL A 137 23.06 -25.87 15.20
C VAL A 137 21.86 -25.08 14.60
N LEU A 138 20.85 -24.77 15.42
CA LEU A 138 19.66 -23.95 15.07
C LEU A 138 20.05 -22.51 14.76
N TYR A 139 21.00 -21.95 15.53
CA TYR A 139 21.50 -20.60 15.35
C TYR A 139 22.39 -20.47 14.13
N GLN A 140 23.05 -21.57 13.70
CA GLN A 140 23.87 -21.61 12.49
C GLN A 140 22.96 -21.49 11.27
N ARG A 141 21.78 -22.09 11.35
CA ARG A 141 20.72 -22.09 10.35
C ARG A 141 20.19 -20.65 10.19
N ALA A 142 19.87 -19.97 11.33
CA ALA A 142 19.42 -18.58 11.39
C ALA A 142 20.51 -17.62 10.85
N ASP A 143 21.77 -17.89 11.19
CA ASP A 143 22.93 -17.12 10.72
C ASP A 143 23.10 -17.25 9.19
N ALA A 144 22.93 -18.46 8.65
CA ALA A 144 23.04 -18.72 7.22
C ALA A 144 21.96 -17.94 6.44
N HIS A 145 20.75 -17.84 7.03
CA HIS A 145 19.64 -17.08 6.47
C HIS A 145 19.91 -15.57 6.55
N LEU A 146 20.47 -15.10 7.69
CA LEU A 146 20.76 -13.68 7.91
C LEU A 146 21.96 -13.14 7.12
N LYS A 147 22.77 -14.05 6.52
CA LYS A 147 23.93 -13.68 5.69
C LYS A 147 23.46 -12.91 4.46
N HIS A 148 22.26 -13.27 3.96
CA HIS A 148 21.67 -12.67 2.76
C HIS A 148 20.34 -11.92 2.99
N HIS A 149 19.95 -11.73 4.25
CA HIS A 149 18.71 -11.04 4.62
C HIS A 149 18.93 -10.18 5.87
N ASN A 150 18.45 -8.92 5.82
CA ASN A 150 18.57 -7.95 6.92
C ASN A 150 17.65 -8.32 8.09
N TRP A 151 16.46 -8.86 7.77
CA TRP A 151 15.49 -9.31 8.75
C TRP A 151 15.08 -10.74 8.38
N LEU A 152 14.48 -11.47 9.32
CA LEU A 152 14.10 -12.86 9.09
C LEU A 152 13.11 -13.08 7.96
N ALA A 153 12.01 -12.31 7.95
CA ALA A 153 10.98 -12.43 6.93
C ALA A 153 10.79 -11.14 6.13
N ASN A 154 10.63 -11.29 4.81
CA ASN A 154 10.29 -10.23 3.86
C ASN A 154 11.21 -9.00 3.83
N GLY A 155 12.45 -9.16 4.35
CA GLY A 155 13.44 -8.08 4.41
C GLY A 155 13.01 -6.88 5.25
N GLN A 156 12.03 -7.10 6.14
CA GLN A 156 11.43 -6.08 7.01
C GLN A 156 11.22 -6.66 8.38
N ARG A 157 11.44 -5.87 9.43
CA ARG A 157 11.26 -6.29 10.82
C ARG A 157 9.82 -6.73 11.13
N SER A 158 9.70 -7.82 11.90
CA SER A 158 8.43 -8.44 12.29
C SER A 158 8.56 -9.08 13.66
N GLY A 159 7.48 -9.72 14.14
CA GLY A 159 7.47 -10.42 15.42
C GLY A 159 8.46 -11.57 15.50
N ALA A 160 8.83 -12.10 14.29
CA ALA A 160 9.82 -13.16 14.12
C ALA A 160 11.18 -12.69 14.65
N ASP A 161 11.56 -11.44 14.32
CA ASP A 161 12.82 -10.81 14.73
C ASP A 161 12.84 -10.57 16.22
N ALA A 162 11.72 -10.07 16.76
CA ALA A 162 11.57 -9.80 18.19
C ALA A 162 11.75 -11.10 19.00
N TYR A 163 11.14 -12.23 18.55
CA TYR A 163 11.23 -13.52 19.20
C TYR A 163 12.65 -14.09 19.14
N LEU A 164 13.28 -14.12 17.94
CA LEU A 164 14.64 -14.62 17.79
C LEU A 164 15.58 -13.89 18.72
N TYR A 165 15.49 -12.53 18.74
CA TYR A 165 16.29 -11.68 19.62
C TYR A 165 16.19 -12.05 21.09
N VAL A 166 14.94 -12.29 21.60
CA VAL A 166 14.71 -12.61 23.00
C VAL A 166 15.42 -13.92 23.37
N THR A 167 15.31 -14.97 22.49
CA THR A 167 16.00 -16.25 22.67
C THR A 167 17.53 -16.09 22.73
N LEU A 168 18.08 -15.16 21.93
CA LEU A 168 19.51 -14.84 21.89
C LEU A 168 20.02 -14.19 23.18
N ARG A 169 19.15 -13.46 23.87
CA ARG A 169 19.47 -12.89 25.19
C ARG A 169 19.68 -14.09 26.16
N TRP A 170 18.85 -15.16 26.05
CA TRP A 170 18.96 -16.38 26.86
C TRP A 170 20.26 -17.09 26.54
N ALA A 171 20.62 -17.21 25.23
CA ALA A 171 21.86 -17.83 24.74
C ALA A 171 23.09 -17.25 25.42
N LYS A 172 23.15 -15.92 25.52
CA LYS A 172 24.24 -15.19 26.17
C LYS A 172 24.29 -15.44 27.67
N LYS A 173 23.14 -15.73 28.30
CA LYS A 173 23.04 -15.95 29.74
C LYS A 173 23.29 -17.39 30.15
N VAL A 174 23.00 -18.37 29.25
CA VAL A 174 23.15 -19.79 29.54
C VAL A 174 24.35 -20.49 28.87
N GLY A 175 25.25 -19.72 28.29
CA GLY A 175 26.48 -20.25 27.68
C GLY A 175 26.37 -20.95 26.34
N VAL A 176 25.38 -20.57 25.51
CA VAL A 176 25.26 -21.14 24.15
C VAL A 176 26.37 -20.48 23.31
N ASP A 177 27.17 -21.31 22.61
CA ASP A 177 28.25 -20.85 21.73
C ASP A 177 27.70 -20.18 20.45
N LEU A 178 27.90 -18.86 20.33
CA LEU A 178 27.42 -18.09 19.18
C LEU A 178 28.59 -17.55 18.34
N SER A 179 29.81 -18.09 18.61
CA SER A 179 31.03 -17.71 17.90
C SER A 179 30.98 -18.09 16.43
N SER A 180 31.58 -17.22 15.58
CA SER A 180 31.66 -17.34 14.11
C SER A 180 30.31 -17.15 13.41
N LEU A 181 29.28 -16.72 14.16
CA LEU A 181 27.94 -16.47 13.63
C LEU A 181 27.79 -14.95 13.47
N ASP A 182 28.52 -14.43 12.47
CA ASP A 182 28.67 -13.01 12.14
C ASP A 182 27.40 -12.31 11.69
N ALA A 183 26.58 -12.98 10.90
CA ALA A 183 25.32 -12.41 10.44
C ALA A 183 24.32 -12.33 11.60
N LEU A 184 24.32 -13.33 12.47
CA LEU A 184 23.48 -13.42 13.66
C LEU A 184 23.92 -12.33 14.66
N SER A 185 25.25 -12.13 14.78
CA SER A 185 25.87 -11.11 15.63
C SER A 185 25.42 -9.71 15.20
N ALA A 186 25.43 -9.44 13.87
CA ALA A 186 25.02 -8.17 13.28
C ALA A 186 23.54 -7.93 13.54
N PHE A 187 22.71 -8.99 13.41
CA PHE A 187 21.28 -8.96 13.70
C PHE A 187 21.05 -8.55 15.15
N PHE A 188 21.72 -9.23 16.10
CA PHE A 188 21.61 -8.93 17.54
C PHE A 188 21.97 -7.47 17.85
N GLU A 189 23.01 -6.95 17.19
CA GLU A 189 23.44 -5.55 17.34
C GLU A 189 22.39 -4.57 16.78
N ARG A 190 21.79 -4.89 15.61
CA ARG A 190 20.77 -4.07 14.96
C ARG A 190 19.58 -3.93 15.90
N MET A 191 19.20 -5.04 16.56
CA MET A 191 18.09 -5.10 17.50
C MET A 191 18.34 -4.21 18.71
N GLU A 192 19.51 -4.35 19.35
CA GLU A 192 19.92 -3.56 20.51
C GLU A 192 19.98 -2.06 20.22
N ALA A 193 20.25 -1.68 18.96
CA ALA A 193 20.33 -0.29 18.49
C ALA A 193 18.94 0.28 18.17
N ASP A 194 17.91 -0.60 18.14
CA ASP A 194 16.53 -0.20 17.86
C ASP A 194 15.89 0.53 19.06
N PRO A 195 15.25 1.71 18.84
CA PRO A 195 14.65 2.45 19.96
C PRO A 195 13.49 1.73 20.68
N GLY A 196 12.69 0.96 19.95
CA GLY A 196 11.58 0.17 20.49
C GLY A 196 12.07 -0.96 21.38
N VAL A 197 13.20 -1.61 20.98
CA VAL A 197 13.85 -2.69 21.74
C VAL A 197 14.40 -2.09 23.06
N GLN A 198 15.14 -0.95 22.96
CA GLN A 198 15.73 -0.23 24.08
C GLN A 198 14.67 0.22 25.11
N ALA A 199 13.55 0.79 24.63
CA ALA A 199 12.41 1.20 25.46
C ALA A 199 11.86 0.02 26.23
N ALA A 200 11.68 -1.15 25.55
CA ALA A 200 11.17 -2.39 26.13
C ALA A 200 12.13 -2.90 27.22
N LEU A 201 13.45 -2.98 26.94
CA LEU A 201 14.48 -3.41 27.91
C LEU A 201 14.54 -2.45 29.11
N GLN A 202 14.36 -1.14 28.86
CA GLN A 202 14.37 -0.07 29.85
C GLN A 202 13.18 -0.27 30.83
N ALA A 203 11.95 -0.51 30.29
CA ALA A 203 10.70 -0.71 31.01
C ALA A 203 10.71 -1.98 31.85
N GLU A 204 11.39 -3.03 31.34
CA GLU A 204 11.52 -4.32 32.01
C GLU A 204 12.66 -4.36 33.04
N GLY A 205 13.43 -3.27 33.12
CA GLY A 205 14.55 -3.14 34.05
C GLY A 205 15.76 -3.98 33.67
N LEU A 206 15.95 -4.19 32.36
CA LEU A 206 17.03 -4.97 31.75
C LEU A 206 18.10 -4.03 31.20
N ILE A 207 19.39 -4.35 31.46
CA ILE A 207 20.53 -3.52 31.06
C ILE A 207 21.80 -4.37 30.92
N HIS B 1 -1.99 -30.58 -7.46
CA HIS B 1 -0.83 -30.53 -8.35
C HIS B 1 -0.07 -29.16 -8.45
N HIS B 2 -0.71 -28.01 -8.10
CA HIS B 2 -0.02 -26.71 -8.03
C HIS B 2 0.75 -26.63 -6.71
N MET B 3 0.31 -27.43 -5.72
CA MET B 3 0.91 -27.53 -4.41
C MET B 3 1.38 -28.96 -4.14
N LYS B 4 2.53 -29.08 -3.48
CA LYS B 4 3.11 -30.36 -3.09
C LYS B 4 3.43 -30.33 -1.61
N LEU B 5 2.89 -31.30 -0.87
CA LEU B 5 3.12 -31.44 0.55
C LEU B 5 4.08 -32.61 0.78
N TYR B 6 5.23 -32.32 1.41
CA TYR B 6 6.26 -33.28 1.74
C TYR B 6 5.90 -33.88 3.07
N ILE B 7 5.57 -35.17 3.06
CA ILE B 7 5.11 -35.87 4.26
C ILE B 7 6.02 -37.03 4.66
N MET B 8 5.82 -37.53 5.89
CA MET B 8 6.32 -38.78 6.44
C MET B 8 5.08 -39.40 7.08
N PRO B 9 4.68 -40.65 6.75
CA PRO B 9 3.42 -41.20 7.32
C PRO B 9 3.29 -41.17 8.84
N GLY B 10 2.21 -40.56 9.31
CA GLY B 10 1.91 -40.46 10.74
C GLY B 10 2.64 -39.36 11.48
N ALA B 11 3.58 -38.63 10.82
CA ALA B 11 4.35 -37.53 11.39
C ALA B 11 3.47 -36.28 11.52
N CYS B 12 4.04 -35.18 12.06
CA CYS B 12 3.33 -33.90 12.26
C CYS B 12 2.74 -33.36 10.98
N SER B 13 3.38 -33.66 9.81
CA SER B 13 2.93 -33.32 8.46
C SER B 13 1.50 -33.86 8.13
N LEU B 14 1.01 -34.87 8.90
CA LEU B 14 -0.35 -35.41 8.75
C LEU B 14 -1.41 -34.31 9.07
N ALA B 15 -1.06 -33.35 9.97
CA ALA B 15 -1.93 -32.25 10.37
C ALA B 15 -2.23 -31.34 9.16
N ASP B 16 -1.18 -31.05 8.35
CA ASP B 16 -1.26 -30.21 7.15
C ASP B 16 -2.03 -30.93 6.06
N HIS B 17 -1.81 -32.26 5.97
CA HIS B 17 -2.46 -33.19 5.04
C HIS B 17 -3.96 -33.19 5.29
N ILE B 18 -4.38 -33.37 6.57
CA ILE B 18 -5.79 -33.31 6.99
C ILE B 18 -6.42 -31.95 6.59
N LEU B 19 -5.74 -30.84 6.92
CA LEU B 19 -6.23 -29.49 6.61
C LEU B 19 -6.37 -29.22 5.13
N LEU B 20 -5.41 -29.67 4.32
CA LEU B 20 -5.46 -29.56 2.85
C LEU B 20 -6.72 -30.19 2.28
N ARG B 21 -7.09 -31.36 2.83
CA ARG B 21 -8.31 -32.08 2.45
C ARG B 21 -9.55 -31.32 2.86
N TRP B 22 -9.54 -30.73 4.07
CA TRP B 22 -10.64 -29.93 4.58
C TRP B 22 -10.86 -28.66 3.77
N SER B 23 -9.76 -28.07 3.25
CA SER B 23 -9.78 -26.84 2.46
C SER B 23 -10.33 -27.04 1.04
N GLY B 24 -10.28 -28.28 0.56
CA GLY B 24 -10.75 -28.66 -0.77
C GLY B 24 -9.75 -28.35 -1.86
N SER B 25 -8.53 -27.95 -1.46
CA SER B 25 -7.42 -27.63 -2.36
C SER B 25 -6.86 -28.89 -3.01
N SER B 26 -6.32 -28.73 -4.22
CA SER B 26 -5.66 -29.83 -4.93
C SER B 26 -4.20 -29.82 -4.46
N PHE B 27 -3.58 -30.99 -4.38
CA PHE B 27 -2.20 -31.08 -3.93
C PHE B 27 -1.65 -32.42 -4.27
N ASP B 28 -0.34 -32.47 -4.41
CA ASP B 28 0.37 -33.71 -4.57
C ASP B 28 1.01 -34.01 -3.23
N LEU B 29 1.24 -35.28 -2.95
CA LEU B 29 1.93 -35.72 -1.75
C LEU B 29 3.30 -36.21 -2.17
N GLN B 30 4.35 -35.86 -1.41
CA GLN B 30 5.68 -36.41 -1.67
C GLN B 30 6.11 -37.12 -0.39
N PHE B 31 6.18 -38.45 -0.46
CA PHE B 31 6.53 -39.34 0.63
C PHE B 31 8.00 -39.38 0.91
N LEU B 32 8.35 -39.15 2.18
CA LEU B 32 9.73 -39.17 2.67
C LEU B 32 9.93 -40.19 3.81
N ASP B 33 11.17 -40.67 3.96
CA ASP B 33 11.67 -41.57 5.01
C ASP B 33 12.58 -40.74 5.90
N HIS B 34 13.08 -41.32 7.01
CA HIS B 34 14.06 -40.67 7.88
C HIS B 34 15.40 -40.56 7.10
N GLN B 35 15.52 -41.34 6.00
CA GLN B 35 16.66 -41.37 5.09
C GLN B 35 16.48 -40.36 3.96
N SER B 36 15.33 -40.36 3.21
CA SER B 36 15.09 -39.39 2.11
C SER B 36 14.91 -37.91 2.57
N MET B 37 14.67 -37.70 3.87
CA MET B 37 14.51 -36.42 4.50
C MET B 37 15.88 -35.76 4.69
N LYS B 38 16.93 -36.59 4.79
CA LYS B 38 18.34 -36.21 4.97
C LYS B 38 19.14 -36.27 3.65
N ALA B 39 18.46 -36.64 2.53
CA ALA B 39 19.06 -36.72 1.19
C ALA B 39 19.27 -35.29 0.64
N PRO B 40 20.31 -35.05 -0.22
CA PRO B 40 20.55 -33.67 -0.72
C PRO B 40 19.45 -33.00 -1.55
N GLU B 41 18.60 -33.80 -2.23
CA GLU B 41 17.50 -33.31 -3.07
C GLU B 41 16.45 -32.55 -2.23
N TYR B 42 16.05 -33.13 -1.07
CA TYR B 42 15.11 -32.52 -0.14
C TYR B 42 15.79 -31.45 0.74
N LEU B 43 17.09 -31.65 1.07
CA LEU B 43 17.86 -30.68 1.86
C LEU B 43 18.05 -29.37 1.12
N ALA B 44 17.92 -29.39 -0.23
CA ALA B 44 17.98 -28.22 -1.09
C ALA B 44 16.69 -27.39 -0.93
N LEU B 45 15.54 -28.07 -0.66
CA LEU B 45 14.22 -27.46 -0.45
C LEU B 45 14.07 -27.01 1.01
N ASN B 46 14.39 -27.91 1.96
CA ASN B 46 14.37 -27.63 3.38
C ASN B 46 15.72 -28.06 4.00
N PRO B 47 16.62 -27.09 4.30
CA PRO B 47 17.92 -27.43 4.91
C PRO B 47 17.82 -28.02 6.32
N SER B 48 16.70 -27.79 7.03
CA SER B 48 16.43 -28.33 8.37
C SER B 48 16.23 -29.86 8.35
N GLY B 49 15.97 -30.43 7.17
CA GLY B 49 15.79 -31.87 6.93
C GLY B 49 14.69 -32.48 7.73
N ALA B 50 13.54 -31.79 7.77
CA ALA B 50 12.36 -32.19 8.53
C ALA B 50 11.08 -31.92 7.76
N VAL B 51 10.05 -32.71 8.05
CA VAL B 51 8.72 -32.53 7.47
C VAL B 51 7.88 -31.75 8.51
N PRO B 52 6.85 -31.00 8.11
CA PRO B 52 6.35 -30.76 6.75
C PRO B 52 7.10 -29.68 5.95
N ALA B 53 6.86 -29.71 4.65
CA ALA B 53 7.28 -28.70 3.70
C ALA B 53 6.15 -28.64 2.68
N LEU B 54 5.73 -27.42 2.36
CA LEU B 54 4.70 -27.19 1.37
C LEU B 54 5.30 -26.38 0.24
N GLN B 55 5.35 -26.98 -0.95
CA GLN B 55 5.87 -26.31 -2.13
C GLN B 55 4.72 -25.74 -2.95
N VAL B 56 4.73 -24.41 -3.15
CA VAL B 56 3.72 -23.68 -3.93
C VAL B 56 4.51 -23.08 -5.07
N GLY B 57 4.54 -23.79 -6.20
CA GLY B 57 5.35 -23.42 -7.35
C GLY B 57 6.81 -23.68 -7.01
N ASP B 58 7.63 -22.64 -7.02
CA ASP B 58 9.07 -22.69 -6.70
C ASP B 58 9.31 -22.39 -5.21
N TRP B 59 8.31 -21.79 -4.55
CA TRP B 59 8.36 -21.41 -3.14
C TRP B 59 8.15 -22.60 -2.20
N VAL B 60 9.05 -22.79 -1.23
CA VAL B 60 8.96 -23.83 -0.24
C VAL B 60 8.72 -23.21 1.15
N LEU B 61 7.54 -23.47 1.74
CA LEU B 61 7.17 -23.03 3.08
C LEU B 61 7.44 -24.25 4.02
N THR B 62 7.99 -24.03 5.24
CA THR B 62 8.37 -25.16 6.11
C THR B 62 7.79 -25.31 7.50
N GLN B 63 7.35 -24.26 8.13
CA GLN B 63 6.88 -24.57 9.51
C GLN B 63 5.43 -25.04 9.60
N ASN B 64 5.15 -26.09 10.40
CA ASN B 64 3.80 -26.64 10.57
C ASN B 64 2.74 -25.55 10.79
N ALA B 65 3.00 -24.68 11.79
CA ALA B 65 2.18 -23.53 12.18
C ALA B 65 1.98 -22.59 11.00
N ALA B 66 3.06 -22.32 10.22
CA ALA B 66 3.01 -21.45 9.04
C ALA B 66 2.20 -22.10 7.91
N ILE B 67 2.42 -23.40 7.66
CA ILE B 67 1.71 -24.18 6.62
C ILE B 67 0.22 -24.24 6.92
N LEU B 68 -0.15 -24.60 8.18
CA LEU B 68 -1.55 -24.66 8.63
C LEU B 68 -2.24 -23.32 8.43
N ASN B 69 -1.57 -22.20 8.78
CA ASN B 69 -2.13 -20.87 8.61
C ASN B 69 -2.26 -20.44 7.16
N TYR B 70 -1.26 -20.82 6.32
CA TYR B 70 -1.27 -20.56 4.88
C TYR B 70 -2.43 -21.28 4.21
N ILE B 71 -2.62 -22.61 4.50
CA ILE B 71 -3.75 -23.41 3.96
C ILE B 71 -5.06 -22.74 4.35
N THR B 72 -5.21 -22.33 5.64
CA THR B 72 -6.38 -21.62 6.14
C THR B 72 -6.66 -20.34 5.33
N ASP B 73 -5.61 -19.52 5.12
CA ASP B 73 -5.67 -18.26 4.42
C ASP B 73 -6.11 -18.36 2.97
N ILE B 74 -5.71 -19.43 2.26
CA ILE B 74 -6.05 -19.68 0.84
C ILE B 74 -7.39 -20.42 0.65
N ALA B 75 -7.90 -21.11 1.70
CA ALA B 75 -9.15 -21.86 1.66
C ALA B 75 -10.34 -20.92 1.43
N PRO B 76 -11.33 -21.31 0.59
CA PRO B 76 -12.52 -20.46 0.45
C PRO B 76 -13.26 -20.36 1.79
N ALA B 77 -13.74 -19.17 2.14
CA ALA B 77 -14.45 -18.89 3.41
C ALA B 77 -15.55 -19.91 3.74
N GLU B 78 -16.23 -20.43 2.69
CA GLU B 78 -17.31 -21.42 2.81
C GLU B 78 -16.87 -22.75 3.45
N ARG B 79 -15.55 -23.00 3.46
CA ARG B 79 -14.95 -24.19 4.08
C ARG B 79 -14.97 -24.10 5.62
N GLY B 80 -15.13 -22.89 6.15
CA GLY B 80 -15.26 -22.58 7.58
C GLY B 80 -14.04 -22.90 8.43
N LEU B 81 -12.85 -22.70 7.88
CA LEU B 81 -11.60 -23.00 8.57
C LEU B 81 -10.95 -21.79 9.30
N SER B 82 -11.52 -20.56 9.12
CA SER B 82 -11.07 -19.33 9.79
C SER B 82 -12.11 -18.76 10.80
N GLY B 83 -13.12 -19.58 11.13
CA GLY B 83 -14.23 -19.18 11.99
C GLY B 83 -14.98 -18.08 11.29
N ASP B 84 -15.29 -16.98 12.02
CA ASP B 84 -15.98 -15.83 11.40
C ASP B 84 -14.99 -14.91 10.65
N GLY B 85 -13.69 -15.27 10.70
CA GLY B 85 -12.63 -14.54 10.04
C GLY B 85 -12.15 -13.29 10.77
N SER B 86 -12.66 -13.05 11.99
CA SER B 86 -12.27 -11.90 12.82
C SER B 86 -10.88 -12.12 13.43
N LEU B 87 -10.33 -11.07 14.07
CA LEU B 87 -9.03 -11.04 14.74
C LEU B 87 -9.01 -12.06 15.87
N LYS B 88 -10.10 -12.08 16.67
CA LYS B 88 -10.32 -12.98 17.79
C LYS B 88 -10.40 -14.41 17.31
N ALA B 89 -11.10 -14.66 16.17
CA ALA B 89 -11.24 -15.99 15.55
C ALA B 89 -9.89 -16.54 15.12
N ARG B 90 -9.05 -15.70 14.51
CA ARG B 90 -7.73 -16.11 14.03
C ARG B 90 -6.78 -16.36 15.17
N ALA B 91 -6.93 -15.57 16.27
CA ALA B 91 -6.15 -15.63 17.49
C ALA B 91 -6.46 -16.90 18.26
N GLU B 92 -7.75 -17.33 18.26
CA GLU B 92 -8.21 -18.57 18.90
C GLU B 92 -7.63 -19.78 18.19
N ILE B 93 -7.60 -19.76 16.84
CA ILE B 93 -7.02 -20.84 16.02
C ILE B 93 -5.52 -20.91 16.31
N ASN B 94 -4.85 -19.74 16.29
CA ASN B 94 -3.42 -19.60 16.55
C ASN B 94 -2.95 -20.10 17.91
N ARG B 95 -3.71 -19.78 18.97
CA ARG B 95 -3.38 -20.20 20.33
C ARG B 95 -3.44 -21.74 20.48
N TRP B 96 -4.45 -22.39 19.87
CA TRP B 96 -4.58 -23.84 19.89
C TRP B 96 -3.60 -24.55 18.94
N ILE B 97 -3.21 -23.89 17.82
CA ILE B 97 -2.16 -24.43 16.95
C ILE B 97 -0.84 -24.39 17.76
N ALA B 98 -0.56 -23.27 18.43
CA ALA B 98 0.64 -23.07 19.25
C ALA B 98 0.73 -24.00 20.44
N PHE B 99 -0.43 -24.38 20.99
CA PHE B 99 -0.52 -25.33 22.09
C PHE B 99 0.04 -26.69 21.64
N SER B 100 -0.36 -27.19 20.47
CA SER B 100 0.15 -28.47 19.94
C SER B 100 1.56 -28.32 19.46
N ASN B 101 1.83 -27.22 18.74
CA ASN B 101 3.13 -26.91 18.14
C ASN B 101 4.28 -26.72 19.10
N SER B 102 4.07 -25.88 20.12
CA SER B 102 5.12 -25.48 21.07
C SER B 102 5.02 -26.02 22.50
N ASP B 103 3.88 -26.59 22.90
CA ASP B 103 3.73 -27.18 24.23
C ASP B 103 3.67 -28.69 24.14
N VAL B 104 2.75 -29.23 23.31
CA VAL B 104 2.57 -30.69 23.17
C VAL B 104 3.70 -31.37 22.38
N HIS B 105 3.87 -30.98 21.12
CA HIS B 105 4.86 -31.57 20.21
C HIS B 105 6.29 -31.66 20.82
N PRO B 106 6.92 -30.60 21.36
CA PRO B 106 8.27 -30.76 21.91
C PRO B 106 8.38 -31.67 23.14
N MET B 107 7.27 -31.88 23.86
CA MET B 107 7.24 -32.76 25.02
C MET B 107 7.39 -34.24 24.57
N TYR B 108 7.18 -34.52 23.28
CA TYR B 108 7.32 -35.84 22.68
C TYR B 108 8.76 -36.18 22.33
N TRP B 109 9.68 -35.20 22.35
CA TRP B 109 11.10 -35.40 22.02
C TRP B 109 11.76 -36.59 22.71
N ALA B 110 11.56 -36.75 24.04
CA ALA B 110 12.13 -37.90 24.77
C ALA B 110 11.48 -39.23 24.37
N LEU B 111 10.21 -39.16 23.94
CA LEU B 111 9.46 -40.33 23.55
C LEU B 111 9.77 -40.76 22.13
N PHE B 112 10.56 -39.95 21.38
CA PHE B 112 10.96 -40.26 20.00
C PHE B 112 12.47 -40.23 19.78
N GLY B 113 13.20 -40.71 20.77
CA GLY B 113 14.65 -40.83 20.72
C GLY B 113 15.49 -39.59 20.97
N GLY B 114 14.87 -38.50 21.43
CA GLY B 114 15.56 -37.24 21.64
C GLY B 114 16.56 -37.21 22.79
N THR B 115 16.46 -38.17 23.70
CA THR B 115 17.32 -38.25 24.88
C THR B 115 18.28 -39.45 24.84
N ALA B 116 18.47 -40.06 23.64
CA ALA B 116 19.35 -41.22 23.43
C ALA B 116 20.81 -40.89 23.75
N TYR B 117 21.21 -39.60 23.61
CA TYR B 117 22.55 -39.06 23.90
C TYR B 117 22.96 -39.37 25.34
N LEU B 118 21.97 -39.62 26.26
CA LEU B 118 22.26 -39.91 27.66
C LEU B 118 22.89 -41.29 27.85
N GLN B 119 22.55 -42.23 26.93
CA GLN B 119 23.08 -43.59 26.88
C GLN B 119 22.62 -44.49 28.02
N ASP B 120 22.57 -43.96 29.26
CA ASP B 120 22.12 -44.66 30.47
C ASP B 120 20.65 -45.02 30.37
N PRO B 121 20.30 -46.34 30.38
CA PRO B 121 18.88 -46.74 30.25
C PRO B 121 17.93 -46.14 31.29
N GLN B 122 18.36 -46.07 32.56
CA GLN B 122 17.57 -45.50 33.66
C GLN B 122 17.29 -44.02 33.43
N MET B 123 18.30 -43.27 32.94
CA MET B 123 18.16 -41.83 32.68
C MET B 123 17.23 -41.57 31.50
N ILE B 124 17.34 -42.38 30.43
CA ILE B 124 16.49 -42.31 29.23
C ILE B 124 15.02 -42.61 29.63
N ALA B 125 14.79 -43.63 30.46
CA ALA B 125 13.48 -44.00 30.98
C ALA B 125 12.87 -42.89 31.84
N ARG B 126 13.69 -42.18 32.68
CA ARG B 126 13.23 -41.05 33.50
C ARG B 126 12.74 -39.92 32.63
N SER B 127 13.47 -39.65 31.53
CA SER B 127 13.17 -38.60 30.58
C SER B 127 11.84 -38.91 29.86
N GLN B 128 11.58 -40.21 29.59
CA GLN B 128 10.34 -40.67 28.96
C GLN B 128 9.18 -40.56 29.91
N ASP B 129 9.39 -40.93 31.19
CA ASP B 129 8.36 -40.85 32.23
C ASP B 129 7.95 -39.41 32.44
N ASN B 130 8.92 -38.49 32.51
CA ASN B 130 8.71 -37.05 32.68
C ASN B 130 7.86 -36.49 31.53
N ALA B 131 8.22 -36.85 30.27
CA ALA B 131 7.52 -36.46 29.06
C ALA B 131 6.04 -36.91 29.12
N ARG B 132 5.79 -38.16 29.55
CA ARG B 132 4.46 -38.76 29.72
C ARG B 132 3.63 -38.08 30.78
N GLN B 133 4.27 -37.66 31.88
CA GLN B 133 3.60 -37.00 33.00
C GLN B 133 3.19 -35.59 32.58
N LYS B 134 4.07 -34.88 31.88
CA LYS B 134 3.83 -33.51 31.42
C LYS B 134 2.75 -33.48 30.34
N LEU B 135 2.76 -34.49 29.45
CA LEU B 135 1.77 -34.67 28.38
C LEU B 135 0.38 -34.98 28.94
N ARG B 136 0.32 -35.80 29.99
CA ARG B 136 -0.92 -36.15 30.71
C ARG B 136 -1.62 -34.86 31.21
N VAL B 137 -0.84 -33.95 31.81
CA VAL B 137 -1.25 -32.65 32.34
C VAL B 137 -1.81 -31.75 31.21
N LEU B 138 -1.08 -31.68 30.08
CA LEU B 138 -1.45 -30.90 28.88
C LEU B 138 -2.73 -31.39 28.27
N TYR B 139 -2.91 -32.73 28.19
CA TYR B 139 -4.10 -33.33 27.63
C TYR B 139 -5.33 -33.18 28.54
N GLN B 140 -5.13 -33.02 29.88
CA GLN B 140 -6.22 -32.80 30.84
C GLN B 140 -6.80 -31.42 30.54
N ARG B 141 -5.90 -30.47 30.30
CA ARG B 141 -6.17 -29.07 29.95
C ARG B 141 -7.03 -29.04 28.67
N ALA B 142 -6.60 -29.76 27.60
CA ALA B 142 -7.30 -29.88 26.33
C ALA B 142 -8.67 -30.55 26.52
N ASP B 143 -8.73 -31.60 27.35
CA ASP B 143 -9.97 -32.31 27.66
C ASP B 143 -10.96 -31.39 28.42
N ALA B 144 -10.46 -30.59 29.38
CA ALA B 144 -11.28 -29.66 30.15
C ALA B 144 -11.90 -28.60 29.20
N HIS B 145 -11.13 -28.19 28.18
CA HIS B 145 -11.56 -27.23 27.18
C HIS B 145 -12.60 -27.88 26.25
N LEU B 146 -12.38 -29.15 25.86
CA LEU B 146 -13.30 -29.87 24.96
C LEU B 146 -14.61 -30.34 25.62
N LYS B 147 -14.70 -30.28 26.97
CA LYS B 147 -15.92 -30.61 27.73
C LYS B 147 -17.04 -29.64 27.39
N HIS B 148 -16.69 -28.37 27.10
CA HIS B 148 -17.63 -27.31 26.76
C HIS B 148 -17.46 -26.73 25.34
N HIS B 149 -16.64 -27.37 24.50
CA HIS B 149 -16.41 -26.92 23.13
C HIS B 149 -16.28 -28.10 22.19
N ASN B 150 -16.97 -27.97 21.05
CA ASN B 150 -17.05 -28.96 19.96
C ASN B 150 -15.65 -29.17 19.36
N TRP B 151 -14.99 -28.02 19.08
CA TRP B 151 -13.67 -27.89 18.46
C TRP B 151 -12.88 -26.95 19.33
N LEU B 152 -11.56 -26.93 19.19
CA LEU B 152 -10.71 -26.11 20.05
C LEU B 152 -10.99 -24.61 19.92
N ALA B 153 -11.06 -24.11 18.69
CA ALA B 153 -11.26 -22.70 18.45
C ALA B 153 -12.55 -22.38 17.75
N ASN B 154 -13.28 -21.36 18.23
CA ASN B 154 -14.50 -20.79 17.65
C ASN B 154 -15.66 -21.77 17.40
N GLY B 155 -15.64 -22.93 18.06
CA GLY B 155 -16.65 -23.99 17.92
C GLY B 155 -16.76 -24.55 16.52
N GLN B 156 -15.69 -24.38 15.71
CA GLN B 156 -15.60 -24.84 14.33
C GLN B 156 -14.22 -25.47 14.11
N ARG B 157 -14.15 -26.55 13.34
CA ARG B 157 -12.87 -27.19 13.06
C ARG B 157 -11.90 -26.30 12.32
N SER B 158 -10.63 -26.50 12.62
CA SER B 158 -9.53 -25.71 12.12
C SER B 158 -8.28 -26.56 12.14
N GLY B 159 -7.17 -25.95 11.74
CA GLY B 159 -5.86 -26.60 11.75
C GLY B 159 -5.42 -27.02 13.15
N ALA B 160 -5.96 -26.32 14.20
CA ALA B 160 -5.74 -26.56 15.63
C ALA B 160 -6.20 -27.99 15.97
N ASP B 161 -7.40 -28.38 15.48
CA ASP B 161 -7.96 -29.72 15.69
C ASP B 161 -7.16 -30.80 14.98
N ALA B 162 -6.78 -30.54 13.71
CA ALA B 162 -5.97 -31.48 12.93
C ALA B 162 -4.63 -31.77 13.66
N TYR B 163 -3.97 -30.72 14.19
CA TYR B 163 -2.72 -30.86 14.91
C TYR B 163 -2.90 -31.64 16.23
N LEU B 164 -3.89 -31.25 17.05
CA LEU B 164 -4.12 -31.95 18.31
C LEU B 164 -4.35 -33.45 18.08
N TYR B 165 -5.19 -33.78 17.07
CA TYR B 165 -5.50 -35.16 16.69
C TYR B 165 -4.25 -35.99 16.38
N VAL B 166 -3.31 -35.42 15.65
CA VAL B 166 -2.10 -36.12 15.23
C VAL B 166 -1.19 -36.46 16.45
N THR B 167 -1.08 -35.53 17.43
CA THR B 167 -0.34 -35.74 18.67
C THR B 167 -0.99 -36.90 19.46
N LEU B 168 -2.34 -36.98 19.47
CA LEU B 168 -3.13 -38.03 20.14
C LEU B 168 -2.87 -39.44 19.56
N ARG B 169 -2.53 -39.52 18.25
N ARG B 169 -2.55 -39.51 18.25
CA ARG B 169 -2.17 -40.77 17.59
CA ARG B 169 -2.19 -40.73 17.54
C ARG B 169 -0.80 -41.22 18.15
C ARG B 169 -0.80 -41.21 18.09
N TRP B 170 0.14 -40.26 18.37
CA TRP B 170 1.48 -40.52 18.96
C TRP B 170 1.33 -41.01 20.41
N ALA B 171 0.40 -40.38 21.18
CA ALA B 171 0.10 -40.71 22.58
C ALA B 171 -0.25 -42.21 22.71
N LYS B 172 -1.07 -42.73 21.77
CA LYS B 172 -1.51 -44.12 21.65
C LYS B 172 -0.38 -45.07 21.15
N LYS B 173 0.75 -44.54 20.79
CA LYS B 173 1.88 -45.37 20.37
C LYS B 173 2.99 -45.38 21.40
N VAL B 174 3.13 -44.27 22.15
CA VAL B 174 4.22 -44.08 23.12
C VAL B 174 3.83 -44.18 24.60
N GLY B 175 2.64 -44.64 24.88
CA GLY B 175 2.25 -44.87 26.27
C GLY B 175 1.82 -43.68 27.10
N VAL B 176 1.26 -42.64 26.45
CA VAL B 176 0.74 -41.51 27.19
C VAL B 176 -0.65 -41.92 27.67
N ASP B 177 -0.90 -41.83 28.98
CA ASP B 177 -2.16 -42.20 29.58
C ASP B 177 -3.25 -41.17 29.23
N LEU B 178 -4.27 -41.60 28.48
CA LEU B 178 -5.36 -40.71 28.09
C LEU B 178 -6.67 -41.09 28.77
N SER B 179 -6.59 -42.00 29.76
CA SER B 179 -7.75 -42.53 30.47
C SER B 179 -8.46 -41.43 31.27
N SER B 180 -9.81 -41.52 31.30
CA SER B 180 -10.73 -40.61 32.00
C SER B 180 -10.84 -39.24 31.32
N LEU B 181 -10.25 -39.12 30.11
CA LEU B 181 -10.29 -37.90 29.31
C LEU B 181 -11.34 -38.12 28.21
N ASP B 182 -12.61 -38.12 28.65
CA ASP B 182 -13.80 -38.42 27.85
C ASP B 182 -14.09 -37.45 26.72
N ALA B 183 -13.89 -36.15 26.95
CA ALA B 183 -14.14 -35.13 25.93
C ALA B 183 -13.07 -35.21 24.83
N LEU B 184 -11.83 -35.52 25.23
CA LEU B 184 -10.68 -35.69 24.34
C LEU B 184 -10.88 -36.98 23.52
N SER B 185 -11.40 -38.03 24.16
CA SER B 185 -11.72 -39.33 23.55
C SER B 185 -12.80 -39.17 22.48
N ALA B 186 -13.87 -38.40 22.79
CA ALA B 186 -14.98 -38.12 21.86
C ALA B 186 -14.47 -37.33 20.66
N PHE B 187 -13.52 -36.41 20.89
CA PHE B 187 -12.88 -35.59 19.87
C PHE B 187 -12.13 -36.50 18.90
N PHE B 188 -11.34 -37.45 19.44
CA PHE B 188 -10.55 -38.41 18.66
C PHE B 188 -11.46 -39.26 17.77
N GLU B 189 -12.60 -39.67 18.32
CA GLU B 189 -13.62 -40.45 17.59
C GLU B 189 -14.27 -39.65 16.45
N ARG B 190 -14.61 -38.38 16.71
CA ARG B 190 -15.21 -37.47 15.72
C ARG B 190 -14.26 -37.27 14.54
N MET B 191 -12.96 -37.12 14.84
CA MET B 191 -11.91 -36.94 13.86
C MET B 191 -11.78 -38.17 12.97
N GLU B 192 -11.72 -39.36 13.55
CA GLU B 192 -11.59 -40.62 12.82
C GLU B 192 -12.81 -40.97 11.98
N ALA B 193 -13.97 -40.34 12.25
CA ALA B 193 -15.22 -40.51 11.51
C ALA B 193 -15.27 -39.50 10.34
N ASP B 194 -14.38 -38.50 10.35
CA ASP B 194 -14.32 -37.47 9.32
C ASP B 194 -13.76 -38.02 8.00
N PRO B 195 -14.45 -37.75 6.85
CA PRO B 195 -13.97 -38.27 5.55
C PRO B 195 -12.61 -37.74 5.09
N GLY B 196 -12.29 -36.50 5.43
CA GLY B 196 -11.01 -35.86 5.14
C GLY B 196 -9.85 -36.49 5.92
N VAL B 197 -10.10 -36.81 7.20
CA VAL B 197 -9.14 -37.48 8.09
C VAL B 197 -8.88 -38.91 7.55
N GLN B 198 -9.95 -39.66 7.22
CA GLN B 198 -9.88 -41.03 6.69
C GLN B 198 -9.12 -41.09 5.37
N ALA B 199 -9.41 -40.17 4.42
CA ALA B 199 -8.71 -40.05 3.14
C ALA B 199 -7.21 -39.84 3.37
N ALA B 200 -6.85 -38.96 4.35
CA ALA B 200 -5.46 -38.65 4.71
C ALA B 200 -4.76 -39.87 5.31
N LEU B 201 -5.37 -40.52 6.32
CA LEU B 201 -4.84 -41.72 6.99
C LEU B 201 -4.62 -42.85 5.96
N GLN B 202 -5.59 -43.06 5.05
CA GLN B 202 -5.50 -44.10 4.03
C GLN B 202 -4.37 -43.81 3.03
N ALA B 203 -4.27 -42.56 2.53
CA ALA B 203 -3.23 -42.12 1.60
C ALA B 203 -1.82 -42.32 2.22
N GLU B 204 -1.72 -42.14 3.54
CA GLU B 204 -0.49 -42.31 4.29
C GLU B 204 -0.23 -43.77 4.73
N GLY B 205 -1.19 -44.67 4.44
CA GLY B 205 -1.11 -46.10 4.73
C GLY B 205 -1.34 -46.44 6.18
N LEU B 206 -2.03 -45.54 6.92
CA LEU B 206 -2.32 -45.65 8.35
C LEU B 206 -3.64 -46.37 8.66
N ILE B 207 -4.58 -46.49 7.67
CA ILE B 207 -5.86 -47.22 7.76
C ILE B 207 -6.11 -48.11 6.54
N HIS C 1 4.33 22.68 -24.41
CA HIS C 1 5.58 22.60 -23.64
C HIS C 1 5.46 21.79 -22.31
N HIS C 2 4.29 21.84 -21.64
CA HIS C 2 4.03 21.02 -20.47
C HIS C 2 3.94 19.55 -20.90
N MET C 3 3.42 19.31 -22.11
CA MET C 3 3.32 18.01 -22.74
C MET C 3 4.18 17.95 -23.97
N LYS C 4 5.05 16.95 -24.03
CA LYS C 4 5.98 16.70 -25.14
C LYS C 4 5.74 15.32 -25.70
N LEU C 5 5.53 15.23 -27.00
CA LEU C 5 5.39 13.93 -27.64
C LEU C 5 6.64 13.63 -28.43
N TYR C 6 7.32 12.51 -28.08
CA TYR C 6 8.54 12.00 -28.73
C TYR C 6 8.09 11.17 -29.91
N ILE C 7 8.42 11.66 -31.11
CA ILE C 7 8.00 11.05 -32.36
C ILE C 7 9.13 10.67 -33.28
N MET C 8 8.81 9.73 -34.17
CA MET C 8 9.55 9.35 -35.36
C MET C 8 8.53 9.55 -36.48
N PRO C 9 8.84 10.33 -37.54
CA PRO C 9 7.86 10.54 -38.63
C PRO C 9 7.27 9.28 -39.24
N GLY C 10 5.93 9.22 -39.25
CA GLY C 10 5.16 8.10 -39.81
C GLY C 10 5.05 6.87 -38.93
N ALA C 11 5.73 6.85 -37.77
CA ALA C 11 5.71 5.73 -36.84
C ALA C 11 4.40 5.70 -36.04
N CYS C 12 4.21 4.70 -35.16
CA CYS C 12 2.99 4.58 -34.33
C CYS C 12 2.68 5.79 -33.51
N SER C 13 3.71 6.63 -33.18
CA SER C 13 3.54 7.90 -32.48
C SER C 13 2.63 8.88 -33.24
N LEU C 14 2.49 8.71 -34.57
CA LEU C 14 1.60 9.52 -35.41
C LEU C 14 0.13 9.41 -34.92
N ALA C 15 -0.30 8.24 -34.40
CA ALA C 15 -1.65 8.01 -33.86
C ALA C 15 -1.91 8.93 -32.67
N ASP C 16 -0.92 9.06 -31.77
CA ASP C 16 -0.96 9.90 -30.56
C ASP C 16 -0.94 11.37 -30.95
N HIS C 17 -0.16 11.70 -32.00
CA HIS C 17 -0.02 13.02 -32.60
C HIS C 17 -1.37 13.48 -33.14
N ILE C 18 -2.03 12.63 -33.94
CA ILE C 18 -3.38 12.89 -34.48
C ILE C 18 -4.39 13.14 -33.33
N LEU C 19 -4.39 12.29 -32.28
CA LEU C 19 -5.31 12.40 -31.16
C LEU C 19 -5.13 13.65 -30.33
N LEU C 20 -3.85 14.08 -30.12
CA LEU C 20 -3.51 15.32 -29.42
C LEU C 20 -4.13 16.51 -30.13
N ARG C 21 -4.08 16.52 -31.47
CA ARG C 21 -4.66 17.58 -32.30
C ARG C 21 -6.18 17.58 -32.24
N TRP C 22 -6.82 16.39 -32.23
CA TRP C 22 -8.28 16.22 -32.12
C TRP C 22 -8.78 16.68 -30.76
N SER C 23 -7.96 16.50 -29.71
CA SER C 23 -8.26 16.87 -28.32
C SER C 23 -8.16 18.40 -28.07
N GLY C 24 -7.45 19.11 -28.96
CA GLY C 24 -7.25 20.55 -28.89
C GLY C 24 -6.19 20.94 -27.89
N SER C 25 -5.46 19.95 -27.36
CA SER C 25 -4.40 20.10 -26.35
C SER C 25 -3.18 20.81 -26.90
N SER C 26 -2.50 21.55 -26.03
CA SER C 26 -1.26 22.26 -26.28
C SER C 26 -0.14 21.20 -26.05
N PHE C 27 0.79 21.08 -26.98
CA PHE C 27 1.86 20.09 -26.91
C PHE C 27 3.06 20.47 -27.72
N ASP C 28 4.21 19.87 -27.41
CA ASP C 28 5.45 20.13 -28.15
C ASP C 28 6.04 18.84 -28.70
N LEU C 29 6.32 18.80 -30.01
CA LEU C 29 6.89 17.62 -30.67
C LEU C 29 8.37 17.56 -30.49
N GLN C 30 8.89 16.37 -30.20
CA GLN C 30 10.34 16.13 -30.04
C GLN C 30 10.66 15.07 -31.07
N PHE C 31 11.42 15.45 -32.13
CA PHE C 31 11.73 14.55 -33.25
C PHE C 31 12.88 13.64 -32.96
N LEU C 32 12.66 12.37 -33.31
CA LEU C 32 13.66 11.31 -33.17
C LEU C 32 13.90 10.54 -34.47
N ASP C 33 15.10 9.90 -34.56
CA ASP C 33 15.63 9.06 -35.66
C ASP C 33 15.81 7.66 -35.06
N HIS C 34 16.18 6.65 -35.92
CA HIS C 34 16.52 5.31 -35.46
C HIS C 34 17.85 5.39 -34.70
N GLN C 35 18.59 6.51 -34.89
CA GLN C 35 19.86 6.81 -34.24
C GLN C 35 19.62 7.58 -32.94
N SER C 36 18.85 8.70 -32.98
CA SER C 36 18.55 9.54 -31.80
C SER C 36 17.68 8.84 -30.70
N MET C 37 16.91 7.80 -31.11
CA MET C 37 16.08 6.96 -30.22
C MET C 37 17.00 6.11 -29.33
N LYS C 38 18.16 5.65 -29.87
CA LYS C 38 19.17 4.81 -29.22
C LYS C 38 20.27 5.62 -28.50
N ALA C 39 20.18 6.97 -28.58
CA ALA C 39 21.12 7.89 -27.93
C ALA C 39 20.85 7.91 -26.40
N PRO C 40 21.88 8.17 -25.54
CA PRO C 40 21.65 8.16 -24.08
C PRO C 40 20.65 9.16 -23.50
N GLU C 41 20.42 10.31 -24.19
CA GLU C 41 19.46 11.33 -23.76
C GLU C 41 18.02 10.79 -23.72
N TYR C 42 17.59 10.10 -24.81
CA TYR C 42 16.27 9.49 -24.90
C TYR C 42 16.17 8.18 -24.09
N LEU C 43 17.29 7.42 -23.96
CA LEU C 43 17.29 6.19 -23.17
C LEU C 43 17.12 6.46 -21.66
N ALA C 44 17.55 7.64 -21.20
CA ALA C 44 17.38 8.10 -19.82
C ALA C 44 15.88 8.38 -19.55
N LEU C 45 15.20 8.92 -20.58
CA LEU C 45 13.80 9.29 -20.66
C LEU C 45 12.91 8.04 -20.84
N ASN C 46 13.26 7.15 -21.81
CA ASN C 46 12.63 5.84 -22.11
C ASN C 46 13.74 4.77 -22.38
N PRO C 47 13.96 3.83 -21.42
CA PRO C 47 15.03 2.82 -21.61
C PRO C 47 14.79 1.82 -22.74
N SER C 48 13.53 1.63 -23.15
CA SER C 48 13.17 0.72 -24.23
C SER C 48 13.66 1.22 -25.62
N GLY C 49 13.94 2.53 -25.71
CA GLY C 49 14.44 3.19 -26.92
C GLY C 49 13.51 3.06 -28.12
N ALA C 50 12.21 3.25 -27.86
CA ALA C 50 11.12 3.15 -28.85
C ALA C 50 10.13 4.29 -28.66
N VAL C 51 9.52 4.71 -29.78
CA VAL C 51 8.50 5.75 -29.74
C VAL C 51 7.14 5.03 -29.77
N PRO C 52 6.04 5.64 -29.29
CA PRO C 52 5.94 6.97 -28.68
C PRO C 52 6.33 7.04 -27.20
N ALA C 53 6.55 8.27 -26.74
CA ALA C 53 6.74 8.64 -25.35
C ALA C 53 6.04 9.98 -25.22
N LEU C 54 5.22 10.11 -24.18
CA LEU C 54 4.52 11.37 -23.90
C LEU C 54 5.00 11.86 -22.55
N GLN C 55 5.67 13.03 -22.55
CA GLN C 55 6.14 13.65 -21.33
C GLN C 55 5.14 14.70 -20.85
N VAL C 56 4.63 14.53 -19.62
CA VAL C 56 3.67 15.46 -19.02
C VAL C 56 4.40 15.94 -17.76
N GLY C 57 5.07 17.10 -17.88
CA GLY C 57 5.89 17.63 -16.81
C GLY C 57 7.14 16.79 -16.72
N ASP C 58 7.37 16.16 -15.57
CA ASP C 58 8.51 15.26 -15.31
C ASP C 58 8.18 13.81 -15.62
N TRP C 59 6.87 13.48 -15.72
CA TRP C 59 6.36 12.14 -15.96
C TRP C 59 6.44 11.76 -17.43
N VAL C 60 7.00 10.58 -17.72
CA VAL C 60 7.12 10.03 -19.07
C VAL C 60 6.24 8.78 -19.19
N LEU C 61 5.19 8.85 -20.04
CA LEU C 61 4.30 7.73 -20.35
C LEU C 61 4.79 7.10 -21.67
N THR C 62 4.77 5.75 -21.81
CA THR C 62 5.33 5.12 -23.02
C THR C 62 4.49 4.25 -23.93
N GLN C 63 3.43 3.62 -23.46
CA GLN C 63 2.80 2.73 -24.46
C GLN C 63 1.72 3.44 -25.30
N ASN C 64 1.65 3.20 -26.62
CA ASN C 64 0.64 3.82 -27.52
C ASN C 64 -0.77 3.70 -26.97
N ALA C 65 -1.13 2.50 -26.45
CA ALA C 65 -2.42 2.17 -25.82
C ALA C 65 -2.67 3.03 -24.56
N ALA C 66 -1.62 3.27 -23.80
CA ALA C 66 -1.70 4.05 -22.57
C ALA C 66 -1.76 5.54 -22.90
N ILE C 67 -0.96 6.01 -23.88
CA ILE C 67 -0.91 7.39 -24.36
C ILE C 67 -2.24 7.80 -24.96
N LEU C 68 -2.80 6.95 -25.85
CA LEU C 68 -4.10 7.19 -26.50
C LEU C 68 -5.22 7.32 -25.46
N ASN C 69 -5.20 6.44 -24.44
CA ASN C 69 -6.19 6.50 -23.36
C ASN C 69 -6.04 7.73 -22.49
N TYR C 70 -4.79 8.13 -22.21
CA TYR C 70 -4.47 9.32 -21.43
C TYR C 70 -4.97 10.58 -22.14
N ILE C 71 -4.67 10.72 -23.46
CA ILE C 71 -5.14 11.85 -24.26
C ILE C 71 -6.67 11.92 -24.23
N THR C 72 -7.35 10.75 -24.38
CA THR C 72 -8.80 10.65 -24.31
C THR C 72 -9.35 11.17 -22.96
N ASP C 73 -8.72 10.73 -21.86
CA ASP C 73 -9.07 11.09 -20.49
C ASP C 73 -8.95 12.57 -20.18
N ILE C 74 -7.95 13.25 -20.78
CA ILE C 74 -7.72 14.69 -20.56
C ILE C 74 -8.49 15.61 -21.52
N ALA C 75 -8.98 15.07 -22.62
CA ALA C 75 -9.71 15.85 -23.63
C ALA C 75 -11.05 16.34 -23.08
N PRO C 76 -11.42 17.63 -23.31
CA PRO C 76 -12.75 18.08 -22.85
C PRO C 76 -13.84 17.28 -23.56
N ALA C 77 -14.90 16.92 -22.82
CA ALA C 77 -16.02 16.11 -23.33
C ALA C 77 -16.58 16.61 -24.67
N GLU C 78 -16.58 17.95 -24.88
CA GLU C 78 -17.09 18.59 -26.11
C GLU C 78 -16.33 18.16 -27.38
N ARG C 79 -15.11 17.64 -27.21
CA ARG C 79 -14.28 17.13 -28.33
C ARG C 79 -14.82 15.78 -28.87
N GLY C 80 -15.66 15.09 -28.08
CA GLY C 80 -16.31 13.82 -28.41
C GLY C 80 -15.40 12.63 -28.65
N LEU C 81 -14.30 12.52 -27.91
CA LEU C 81 -13.32 11.43 -28.08
C LEU C 81 -13.53 10.21 -27.15
N SER C 82 -14.49 10.30 -26.23
CA SER C 82 -14.81 9.21 -25.26
C SER C 82 -16.23 8.66 -25.46
N GLY C 83 -16.86 9.02 -26.58
CA GLY C 83 -18.24 8.64 -26.88
C GLY C 83 -19.13 9.33 -25.88
N ASP C 84 -20.09 8.59 -25.28
CA ASP C 84 -20.95 9.14 -24.22
C ASP C 84 -20.23 9.14 -22.84
N GLY C 85 -18.98 8.64 -22.80
CA GLY C 85 -18.15 8.60 -21.62
C GLY C 85 -18.44 7.47 -20.65
N SER C 86 -19.37 6.56 -21.01
CA SER C 86 -19.75 5.41 -20.20
C SER C 86 -18.66 4.33 -20.24
N LEU C 87 -18.81 3.28 -19.40
CA LEU C 87 -17.94 2.13 -19.30
C LEU C 87 -17.94 1.33 -20.62
N LYS C 88 -19.14 1.16 -21.22
CA LYS C 88 -19.34 0.49 -22.51
C LYS C 88 -18.62 1.27 -23.63
N ALA C 89 -18.72 2.64 -23.60
CA ALA C 89 -18.12 3.52 -24.58
C ALA C 89 -16.61 3.41 -24.54
N ARG C 90 -16.04 3.36 -23.31
CA ARG C 90 -14.61 3.26 -23.11
C ARG C 90 -14.07 1.90 -23.50
N ALA C 91 -14.89 0.85 -23.30
CA ALA C 91 -14.61 -0.54 -23.65
C ALA C 91 -14.58 -0.73 -25.17
N GLU C 92 -15.48 -0.04 -25.90
CA GLU C 92 -15.55 -0.08 -27.35
C GLU C 92 -14.34 0.56 -27.99
N ILE C 93 -13.89 1.69 -27.42
CA ILE C 93 -12.67 2.40 -27.85
C ILE C 93 -11.47 1.51 -27.59
N ASN C 94 -11.39 0.93 -26.37
CA ASN C 94 -10.31 0.04 -25.95
C ASN C 94 -10.13 -1.20 -26.81
N ARG C 95 -11.25 -1.87 -27.20
CA ARG C 95 -11.23 -3.07 -28.04
C ARG C 95 -10.65 -2.77 -29.44
N TRP C 96 -11.01 -1.62 -30.03
CA TRP C 96 -10.52 -1.19 -31.33
C TRP C 96 -9.10 -0.65 -31.26
N ILE C 97 -8.69 -0.01 -30.13
CA ILE C 97 -7.29 0.41 -29.95
C ILE C 97 -6.43 -0.89 -29.86
N ALA C 98 -6.90 -1.91 -29.09
CA ALA C 98 -6.21 -3.19 -28.92
C ALA C 98 -6.10 -3.99 -30.20
N PHE C 99 -7.09 -3.85 -31.10
CA PHE C 99 -7.11 -4.47 -32.43
C PHE C 99 -5.89 -3.98 -33.25
N SER C 100 -5.65 -2.64 -33.31
CA SER C 100 -4.49 -2.07 -34.01
C SER C 100 -3.21 -2.31 -33.25
N ASN C 101 -3.24 -2.17 -31.95
CA ASN C 101 -2.09 -2.34 -31.07
C ASN C 101 -1.51 -3.75 -30.96
N SER C 102 -2.38 -4.75 -30.76
CA SER C 102 -1.96 -6.13 -30.52
C SER C 102 -2.27 -7.16 -31.61
N ASP C 103 -3.12 -6.82 -32.59
CA ASP C 103 -3.40 -7.72 -33.69
C ASP C 103 -2.73 -7.23 -34.99
N VAL C 104 -2.96 -5.96 -35.33
CA VAL C 104 -2.46 -5.35 -36.56
C VAL C 104 -0.98 -5.04 -36.47
N HIS C 105 -0.59 -4.15 -35.57
CA HIS C 105 0.80 -3.68 -35.38
C HIS C 105 1.85 -4.82 -35.33
N PRO C 106 1.71 -5.88 -34.50
CA PRO C 106 2.74 -6.95 -34.50
C PRO C 106 2.85 -7.77 -35.77
N MET C 107 1.79 -7.82 -36.59
CA MET C 107 1.80 -8.54 -37.87
C MET C 107 2.74 -7.85 -38.90
N TYR C 108 3.10 -6.58 -38.62
CA TYR C 108 4.01 -5.77 -39.41
C TYR C 108 5.48 -6.07 -39.12
N TRP C 109 5.79 -6.84 -38.06
CA TRP C 109 7.16 -7.15 -37.66
C TRP C 109 8.06 -7.71 -38.79
N ALA C 110 7.52 -8.68 -39.55
CA ALA C 110 8.15 -9.35 -40.73
C ALA C 110 8.33 -8.38 -41.90
N LEU C 111 7.49 -7.32 -41.95
CA LEU C 111 7.50 -6.29 -43.00
C LEU C 111 8.40 -5.09 -42.66
N PHE C 112 8.96 -5.07 -41.44
CA PHE C 112 9.86 -4.01 -41.00
C PHE C 112 11.20 -4.55 -40.50
N GLY C 113 11.69 -5.58 -41.18
CA GLY C 113 12.98 -6.20 -40.89
C GLY C 113 13.08 -7.15 -39.70
N GLY C 114 11.95 -7.53 -39.13
CA GLY C 114 11.88 -8.43 -37.98
C GLY C 114 12.35 -9.85 -38.24
N THR C 115 12.31 -10.28 -39.51
CA THR C 115 12.71 -11.64 -39.91
C THR C 115 14.06 -11.72 -40.63
N ALA C 116 14.92 -10.69 -40.50
CA ALA C 116 16.26 -10.63 -41.11
C ALA C 116 17.16 -11.78 -40.67
N TYR C 117 16.98 -12.28 -39.42
CA TYR C 117 17.70 -13.39 -38.79
C TYR C 117 17.61 -14.69 -39.60
N LEU C 118 16.53 -14.83 -40.44
CA LEU C 118 16.31 -16.00 -41.30
C LEU C 118 17.45 -16.17 -42.28
N GLN C 119 18.07 -15.04 -42.69
CA GLN C 119 19.21 -14.92 -43.61
C GLN C 119 18.87 -15.26 -45.06
N ASP C 120 18.15 -16.37 -45.30
CA ASP C 120 17.69 -16.85 -46.60
C ASP C 120 16.74 -15.85 -47.29
N PRO C 121 17.07 -15.32 -48.49
CA PRO C 121 16.16 -14.35 -49.15
C PRO C 121 14.75 -14.88 -49.44
N GLN C 122 14.63 -16.17 -49.88
CA GLN C 122 13.34 -16.81 -50.15
C GLN C 122 12.50 -16.92 -48.85
N MET C 123 13.14 -17.27 -47.72
CA MET C 123 12.48 -17.40 -46.43
C MET C 123 11.99 -16.06 -45.91
N ILE C 124 12.84 -15.01 -46.05
CA ILE C 124 12.52 -13.63 -45.67
C ILE C 124 11.27 -13.18 -46.46
N ALA C 125 11.25 -13.41 -47.79
CA ALA C 125 10.13 -13.10 -48.70
C ALA C 125 8.83 -13.83 -48.32
N ARG C 126 8.93 -15.14 -47.95
CA ARG C 126 7.78 -15.93 -47.51
C ARG C 126 7.17 -15.36 -46.24
N SER C 127 8.03 -14.89 -45.30
CA SER C 127 7.62 -14.28 -44.03
C SER C 127 6.87 -12.98 -44.29
N GLN C 128 7.29 -12.24 -45.32
CA GLN C 128 6.65 -10.98 -45.71
C GLN C 128 5.29 -11.24 -46.37
N ASP C 129 5.22 -12.28 -47.23
CA ASP C 129 3.97 -12.69 -47.90
C ASP C 129 2.94 -13.12 -46.88
N ASN C 130 3.36 -13.90 -45.87
CA ASN C 130 2.53 -14.38 -44.76
C ASN C 130 1.95 -13.20 -43.96
N ALA C 131 2.81 -12.21 -43.61
CA ALA C 131 2.42 -11.01 -42.89
C ALA C 131 1.34 -10.24 -43.68
N ARG C 132 1.52 -10.11 -45.00
CA ARG C 132 0.58 -9.43 -45.91
C ARG C 132 -0.76 -10.18 -45.99
N GLN C 133 -0.73 -11.55 -46.03
CA GLN C 133 -1.94 -12.37 -46.08
C GLN C 133 -2.75 -12.25 -44.79
N LYS C 134 -2.07 -12.28 -43.63
CA LYS C 134 -2.72 -12.15 -42.33
C LYS C 134 -3.28 -10.75 -42.13
N LEU C 135 -2.56 -9.73 -42.63
CA LEU C 135 -2.97 -8.32 -42.55
C LEU C 135 -4.18 -8.04 -43.42
N ARG C 136 -4.23 -8.67 -44.60
CA ARG C 136 -5.36 -8.61 -45.54
C ARG C 136 -6.65 -9.08 -44.83
N VAL C 137 -6.56 -10.21 -44.09
CA VAL C 137 -7.65 -10.82 -43.32
C VAL C 137 -8.14 -9.87 -42.21
N LEU C 138 -7.22 -9.26 -41.46
CA LEU C 138 -7.49 -8.29 -40.39
C LEU C 138 -8.17 -7.02 -40.91
N TYR C 139 -7.70 -6.54 -42.07
CA TYR C 139 -8.26 -5.35 -42.72
C TYR C 139 -9.63 -5.60 -43.34
N GLN C 140 -9.91 -6.87 -43.73
CA GLN C 140 -11.22 -7.28 -44.26
C GLN C 140 -12.26 -7.23 -43.13
N ARG C 141 -11.83 -7.61 -41.93
CA ARG C 141 -12.59 -7.59 -40.68
C ARG C 141 -12.94 -6.13 -40.35
N ALA C 142 -11.95 -5.22 -40.36
CA ALA C 142 -12.11 -3.78 -40.12
C ALA C 142 -13.04 -3.14 -41.18
N ASP C 143 -12.89 -3.54 -42.45
CA ASP C 143 -13.72 -3.07 -43.55
C ASP C 143 -15.18 -3.51 -43.39
N ALA C 144 -15.40 -4.79 -42.96
CA ALA C 144 -16.74 -5.34 -42.72
C ALA C 144 -17.45 -4.55 -41.62
N HIS C 145 -16.67 -4.15 -40.59
CA HIS C 145 -17.14 -3.36 -39.45
C HIS C 145 -17.49 -1.96 -39.92
N LEU C 146 -16.61 -1.34 -40.74
CA LEU C 146 -16.80 0.02 -41.25
C LEU C 146 -17.91 0.18 -42.31
N LYS C 147 -18.41 -0.94 -42.86
CA LYS C 147 -19.49 -0.92 -43.84
C LYS C 147 -20.77 -0.39 -43.23
N HIS C 148 -20.97 -0.70 -41.94
CA HIS C 148 -22.17 -0.35 -41.18
C HIS C 148 -21.92 0.55 -39.99
N HIS C 149 -20.69 1.10 -39.86
CA HIS C 149 -20.30 2.02 -38.79
C HIS C 149 -19.42 3.09 -39.31
N ASN C 150 -19.78 4.30 -38.91
CA ASN C 150 -19.20 5.58 -39.23
C ASN C 150 -17.73 5.58 -38.84
N TRP C 151 -17.46 5.17 -37.60
CA TRP C 151 -16.18 5.10 -36.93
C TRP C 151 -16.12 3.78 -36.23
N LEU C 152 -14.93 3.38 -35.77
CA LEU C 152 -14.71 2.09 -35.13
C LEU C 152 -15.58 1.86 -33.90
N ALA C 153 -15.51 2.80 -32.96
CA ALA C 153 -16.23 2.70 -31.68
C ALA C 153 -17.22 3.79 -31.48
N ASN C 154 -18.43 3.42 -30.98
CA ASN C 154 -19.52 4.33 -30.57
C ASN C 154 -20.01 5.32 -31.63
N GLY C 155 -19.73 5.03 -32.92
CA GLY C 155 -20.12 5.87 -34.05
C GLY C 155 -19.54 7.26 -34.02
N GLN C 156 -18.44 7.44 -33.25
CA GLN C 156 -17.74 8.71 -33.10
C GLN C 156 -16.25 8.48 -33.18
N ARG C 157 -15.49 9.42 -33.79
CA ARG C 157 -14.05 9.30 -33.90
C ARG C 157 -13.37 9.20 -32.54
N SER C 158 -12.35 8.34 -32.44
CA SER C 158 -11.60 8.11 -31.20
C SER C 158 -10.15 7.78 -31.56
N GLY C 159 -9.33 7.47 -30.55
CA GLY C 159 -7.93 7.06 -30.71
C GLY C 159 -7.81 5.78 -31.49
N ALA C 160 -8.89 4.95 -31.48
CA ALA C 160 -9.01 3.70 -32.22
C ALA C 160 -8.88 3.97 -33.74
N ASP C 161 -9.60 4.99 -34.24
CA ASP C 161 -9.55 5.43 -35.65
C ASP C 161 -8.19 6.00 -36.02
N ALA C 162 -7.60 6.86 -35.14
CA ALA C 162 -6.25 7.42 -35.36
C ALA C 162 -5.21 6.30 -35.56
N TYR C 163 -5.28 5.26 -34.71
CA TYR C 163 -4.37 4.11 -34.75
C TYR C 163 -4.59 3.27 -36.02
N LEU C 164 -5.85 2.94 -36.33
CA LEU C 164 -6.14 2.19 -37.54
C LEU C 164 -5.60 2.89 -38.78
N TYR C 165 -5.80 4.21 -38.88
CA TYR C 165 -5.32 5.04 -39.99
C TYR C 165 -3.80 4.95 -40.18
N VAL C 166 -3.02 5.04 -39.09
CA VAL C 166 -1.54 4.98 -39.09
C VAL C 166 -1.03 3.62 -39.63
N THR C 167 -1.69 2.51 -39.26
CA THR C 167 -1.35 1.17 -39.74
C THR C 167 -1.61 1.10 -41.27
N LEU C 168 -2.69 1.77 -41.74
CA LEU C 168 -3.07 1.85 -43.17
C LEU C 168 -2.02 2.56 -44.01
N ARG C 169 -1.34 3.55 -43.42
CA ARG C 169 -0.21 4.25 -44.02
C ARG C 169 0.97 3.27 -44.21
N TRP C 170 1.19 2.35 -43.22
CA TRP C 170 2.25 1.33 -43.31
C TRP C 170 1.91 0.32 -44.40
N ALA C 171 0.62 -0.06 -44.50
CA ALA C 171 0.09 -0.98 -45.52
C ALA C 171 0.45 -0.46 -46.92
N LYS C 172 0.33 0.89 -47.07
CA LYS C 172 0.61 1.70 -48.27
C LYS C 172 2.11 2.01 -48.44
N LYS C 173 2.98 1.37 -47.64
CA LYS C 173 4.44 1.48 -47.76
C LYS C 173 5.06 0.08 -47.93
N VAL C 174 4.38 -0.95 -47.41
CA VAL C 174 4.89 -2.34 -47.45
C VAL C 174 4.16 -3.33 -48.36
N GLY C 175 3.26 -2.82 -49.19
CA GLY C 175 2.56 -3.63 -50.18
C GLY C 175 1.41 -4.50 -49.71
N VAL C 176 0.73 -4.10 -48.62
CA VAL C 176 -0.44 -4.85 -48.16
C VAL C 176 -1.61 -4.55 -49.12
N ASP C 177 -2.26 -5.60 -49.63
CA ASP C 177 -3.41 -5.49 -50.53
C ASP C 177 -4.66 -4.97 -49.79
N LEU C 178 -5.11 -3.75 -50.15
CA LEU C 178 -6.28 -3.15 -49.54
C LEU C 178 -7.43 -3.00 -50.54
N SER C 179 -7.26 -3.61 -51.71
CA SER C 179 -8.23 -3.56 -52.81
C SER C 179 -9.54 -4.24 -52.42
N SER C 180 -10.66 -3.67 -52.94
CA SER C 180 -12.04 -4.09 -52.73
C SER C 180 -12.53 -3.85 -51.28
N LEU C 181 -11.73 -3.11 -50.50
CA LEU C 181 -12.08 -2.76 -49.11
C LEU C 181 -12.52 -1.29 -49.14
N ASP C 182 -13.74 -1.09 -49.68
CA ASP C 182 -14.37 0.19 -49.95
C ASP C 182 -14.69 1.02 -48.73
N ALA C 183 -15.14 0.39 -47.64
CA ALA C 183 -15.48 1.09 -46.40
C ALA C 183 -14.21 1.56 -45.72
N LEU C 184 -13.14 0.73 -45.77
CA LEU C 184 -11.83 1.02 -45.24
C LEU C 184 -11.16 2.14 -46.04
N SER C 185 -11.37 2.14 -47.37
CA SER C 185 -10.87 3.13 -48.32
C SER C 185 -11.52 4.50 -48.05
N ALA C 186 -12.84 4.53 -47.84
CA ALA C 186 -13.59 5.75 -47.54
C ALA C 186 -13.14 6.32 -46.18
N PHE C 187 -12.84 5.44 -45.23
CA PHE C 187 -12.36 5.79 -43.89
C PHE C 187 -11.00 6.52 -44.03
N PHE C 188 -10.09 5.94 -44.85
CA PHE C 188 -8.76 6.48 -45.12
C PHE C 188 -8.85 7.89 -45.72
N GLU C 189 -9.76 8.11 -46.68
N GLU C 189 -9.77 8.11 -46.67
CA GLU C 189 -9.97 9.40 -47.34
CA GLU C 189 -9.94 9.41 -47.33
C GLU C 189 -10.55 10.43 -46.39
C GLU C 189 -10.56 10.44 -46.39
N ARG C 190 -11.54 10.03 -45.54
CA ARG C 190 -12.17 10.91 -44.53
C ARG C 190 -11.07 11.43 -43.60
N MET C 191 -10.16 10.52 -43.17
CA MET C 191 -9.06 10.82 -42.30
C MET C 191 -8.12 11.85 -42.95
N GLU C 192 -7.71 11.64 -44.22
CA GLU C 192 -6.81 12.52 -44.94
C GLU C 192 -7.41 13.90 -45.28
N ALA C 193 -8.75 14.04 -45.19
CA ALA C 193 -9.46 15.30 -45.41
C ALA C 193 -9.58 16.08 -44.09
N ASP C 194 -9.29 15.40 -42.95
CA ASP C 194 -9.38 15.97 -41.63
C ASP C 194 -8.25 16.97 -41.37
N PRO C 195 -8.55 18.19 -40.85
CA PRO C 195 -7.49 19.17 -40.58
C PRO C 195 -6.46 18.77 -39.54
N GLY C 196 -6.87 18.01 -38.51
CA GLY C 196 -6.00 17.50 -37.46
C GLY C 196 -5.03 16.48 -37.99
N VAL C 197 -5.51 15.57 -38.86
CA VAL C 197 -4.69 14.55 -39.53
C VAL C 197 -3.65 15.24 -40.45
N GLN C 198 -4.11 16.19 -41.29
CA GLN C 198 -3.27 16.96 -42.23
C GLN C 198 -2.18 17.76 -41.52
N ALA C 199 -2.55 18.46 -40.42
CA ALA C 199 -1.62 19.23 -39.60
C ALA C 199 -0.52 18.29 -39.06
N ALA C 200 -0.91 17.07 -38.59
CA ALA C 200 0.01 16.06 -38.05
C ALA C 200 0.96 15.57 -39.13
N LEU C 201 0.41 15.12 -40.29
CA LEU C 201 1.18 14.64 -41.45
C LEU C 201 2.20 15.68 -41.91
N GLN C 202 1.76 16.97 -42.04
CA GLN C 202 2.60 18.07 -42.46
C GLN C 202 3.73 18.34 -41.48
N ALA C 203 3.41 18.44 -40.16
CA ALA C 203 4.38 18.65 -39.06
C ALA C 203 5.46 17.55 -39.07
N GLU C 204 5.06 16.33 -39.40
CA GLU C 204 5.96 15.17 -39.46
C GLU C 204 6.70 15.06 -40.81
N GLY C 205 6.35 15.92 -41.77
CA GLY C 205 6.97 15.93 -43.09
C GLY C 205 6.53 14.80 -44.02
N LEU C 206 5.25 14.43 -43.97
CA LEU C 206 4.64 13.41 -44.83
C LEU C 206 3.62 14.13 -45.75
N ILE C 207 3.49 15.47 -45.53
CA ILE C 207 2.61 16.53 -46.09
C ILE C 207 1.12 16.18 -46.20
N HIS D 2 -24.18 -12.26 -13.83
CA HIS D 2 -24.61 -11.74 -15.14
C HIS D 2 -23.49 -11.77 -16.21
N MET D 3 -22.22 -11.99 -15.78
CA MET D 3 -21.06 -12.01 -16.67
C MET D 3 -20.56 -13.41 -16.95
N LYS D 4 -20.20 -13.66 -18.22
CA LYS D 4 -19.64 -14.92 -18.67
C LYS D 4 -18.30 -14.67 -19.36
N LEU D 5 -17.25 -15.34 -18.87
CA LEU D 5 -15.91 -15.24 -19.45
C LEU D 5 -15.62 -16.51 -20.24
N TYR D 6 -15.36 -16.34 -21.55
CA TYR D 6 -15.04 -17.41 -22.49
C TYR D 6 -13.55 -17.61 -22.41
N ILE D 7 -13.14 -18.79 -21.97
CA ILE D 7 -11.73 -19.12 -21.76
C ILE D 7 -11.28 -20.37 -22.50
N MET D 8 -9.97 -20.49 -22.58
CA MET D 8 -9.21 -21.66 -22.98
C MET D 8 -8.23 -21.83 -21.81
N PRO D 9 -8.11 -23.05 -21.20
CA PRO D 9 -7.22 -23.21 -20.04
C PRO D 9 -5.77 -22.77 -20.25
N GLY D 10 -5.33 -21.83 -19.42
CA GLY D 10 -3.96 -21.32 -19.47
C GLY D 10 -3.64 -20.30 -20.54
N ALA D 11 -4.65 -19.93 -21.35
CA ALA D 11 -4.52 -18.94 -22.43
C ALA D 11 -4.47 -17.54 -21.86
N CYS D 12 -4.29 -16.50 -22.72
CA CYS D 12 -4.27 -15.10 -22.26
C CYS D 12 -5.53 -14.71 -21.42
N SER D 13 -6.68 -15.42 -21.63
CA SER D 13 -7.96 -15.27 -20.90
C SER D 13 -7.82 -15.53 -19.38
N LEU D 14 -6.75 -16.24 -18.96
CA LEU D 14 -6.44 -16.52 -17.56
C LEU D 14 -6.16 -15.20 -16.79
N ALA D 15 -5.63 -14.16 -17.48
CA ALA D 15 -5.34 -12.84 -16.91
C ALA D 15 -6.63 -12.16 -16.46
N ASP D 16 -7.71 -12.27 -17.29
CA ASP D 16 -9.04 -11.71 -17.05
C ASP D 16 -9.71 -12.46 -15.91
N HIS D 17 -9.51 -13.78 -15.88
CA HIS D 17 -10.00 -14.71 -14.86
C HIS D 17 -9.42 -14.34 -13.50
N ILE D 18 -8.08 -14.20 -13.42
CA ILE D 18 -7.37 -13.77 -12.20
C ILE D 18 -7.93 -12.43 -11.68
N LEU D 19 -8.07 -11.42 -12.57
CA LEU D 19 -8.60 -10.11 -12.22
C LEU D 19 -10.05 -10.17 -11.72
N LEU D 20 -10.90 -11.03 -12.33
CA LEU D 20 -12.30 -11.16 -11.89
C LEU D 20 -12.40 -11.69 -10.46
N ARG D 21 -11.47 -12.55 -10.07
CA ARG D 21 -11.37 -13.07 -8.72
C ARG D 21 -10.89 -12.01 -7.74
N TRP D 22 -9.90 -11.18 -8.16
CA TRP D 22 -9.37 -10.07 -7.37
C TRP D 22 -10.44 -8.99 -7.15
N SER D 23 -11.31 -8.76 -8.15
CA SER D 23 -12.40 -7.75 -8.15
C SER D 23 -13.56 -8.15 -7.24
N GLY D 24 -13.70 -9.47 -6.98
CA GLY D 24 -14.77 -10.03 -6.16
C GLY D 24 -16.10 -10.14 -6.89
N SER D 25 -16.08 -9.91 -8.21
CA SER D 25 -17.24 -9.95 -9.11
C SER D 25 -17.80 -11.35 -9.28
N SER D 26 -19.12 -11.43 -9.52
CA SER D 26 -19.82 -12.67 -9.78
C SER D 26 -19.68 -12.94 -11.28
N PHE D 27 -19.27 -14.16 -11.65
CA PHE D 27 -19.05 -14.51 -13.05
C PHE D 27 -19.13 -16.01 -13.29
N ASP D 28 -19.41 -16.38 -14.55
CA ASP D 28 -19.45 -17.74 -15.03
C ASP D 28 -18.32 -17.94 -15.98
N LEU D 29 -17.79 -19.15 -16.03
CA LEU D 29 -16.74 -19.52 -16.97
C LEU D 29 -17.34 -20.36 -18.08
N GLN D 30 -16.94 -20.11 -19.33
CA GLN D 30 -17.36 -20.92 -20.47
C GLN D 30 -16.07 -21.43 -21.12
N PHE D 31 -15.84 -22.73 -21.00
CA PHE D 31 -14.63 -23.39 -21.50
C PHE D 31 -14.71 -23.67 -23.00
N LEU D 32 -13.64 -23.33 -23.74
CA LEU D 32 -13.53 -23.56 -25.19
C LEU D 32 -12.25 -24.34 -25.58
N ASP D 33 -12.24 -24.91 -26.80
CA ASP D 33 -11.14 -25.67 -27.43
C ASP D 33 -10.67 -24.89 -28.65
N HIS D 34 -9.57 -25.34 -29.30
CA HIS D 34 -9.08 -24.79 -30.56
C HIS D 34 -10.12 -25.08 -31.66
N GLN D 35 -10.99 -26.09 -31.40
CA GLN D 35 -12.08 -26.53 -32.28
C GLN D 35 -13.36 -25.76 -31.98
N SER D 36 -13.80 -25.70 -30.69
CA SER D 36 -15.03 -25.01 -30.24
C SER D 36 -15.01 -23.49 -30.49
N MET D 37 -13.81 -22.90 -30.55
CA MET D 37 -13.57 -21.48 -30.82
C MET D 37 -13.85 -21.13 -32.29
N LYS D 38 -13.60 -22.09 -33.19
CA LYS D 38 -13.81 -21.96 -34.63
C LYS D 38 -15.22 -22.44 -35.06
N ALA D 39 -16.05 -22.87 -34.08
CA ALA D 39 -17.43 -23.33 -34.30
C ALA D 39 -18.35 -22.10 -34.57
N PRO D 40 -19.43 -22.23 -35.39
CA PRO D 40 -20.27 -21.05 -35.68
C PRO D 40 -20.99 -20.37 -34.51
N GLU D 41 -21.27 -21.12 -33.42
CA GLU D 41 -21.95 -20.62 -32.22
C GLU D 41 -21.11 -19.52 -31.52
N TYR D 42 -19.79 -19.77 -31.34
CA TYR D 42 -18.86 -18.81 -30.75
C TYR D 42 -18.43 -17.74 -31.75
N LEU D 43 -18.34 -18.10 -33.06
CA LEU D 43 -18.00 -17.15 -34.13
C LEU D 43 -19.07 -16.07 -34.32
N ALA D 44 -20.30 -16.34 -33.84
CA ALA D 44 -21.41 -15.40 -33.85
C ALA D 44 -21.21 -14.33 -32.76
N LEU D 45 -20.55 -14.73 -31.64
CA LEU D 45 -20.22 -13.86 -30.49
C LEU D 45 -18.92 -13.10 -30.77
N ASN D 46 -17.86 -13.82 -31.18
CA ASN D 46 -16.57 -13.26 -31.54
C ASN D 46 -16.15 -13.80 -32.94
N PRO D 47 -16.30 -12.96 -34.00
CA PRO D 47 -15.90 -13.41 -35.36
C PRO D 47 -14.40 -13.68 -35.53
N SER D 48 -13.56 -13.09 -34.64
CA SER D 48 -12.10 -13.27 -34.64
C SER D 48 -11.69 -14.70 -34.24
N GLY D 49 -12.64 -15.46 -33.64
CA GLY D 49 -12.48 -16.85 -33.21
C GLY D 49 -11.33 -17.06 -32.25
N ALA D 50 -11.24 -16.16 -31.26
CA ALA D 50 -10.19 -16.16 -30.26
C ALA D 50 -10.72 -15.83 -28.86
N VAL D 51 -10.03 -16.32 -27.84
CA VAL D 51 -10.34 -15.98 -26.45
C VAL D 51 -9.36 -14.86 -26.02
N PRO D 52 -9.70 -14.01 -25.04
CA PRO D 52 -10.94 -13.99 -24.26
C PRO D 52 -12.12 -13.27 -24.94
N ALA D 53 -13.29 -13.50 -24.38
CA ALA D 53 -14.53 -12.82 -24.68
C ALA D 53 -15.26 -12.73 -23.34
N LEU D 54 -15.78 -11.56 -23.03
CA LEU D 54 -16.54 -11.33 -21.82
C LEU D 54 -17.95 -10.92 -22.24
N GLN D 55 -18.94 -11.74 -21.89
CA GLN D 55 -20.32 -11.47 -22.21
C GLN D 55 -21.01 -10.85 -21.00
N VAL D 56 -21.57 -9.65 -21.18
CA VAL D 56 -22.28 -8.90 -20.15
C VAL D 56 -23.66 -8.70 -20.78
N GLY D 57 -24.58 -9.62 -20.45
CA GLY D 57 -25.92 -9.64 -21.02
C GLY D 57 -25.82 -10.12 -22.45
N ASP D 58 -26.25 -9.27 -23.41
CA ASP D 58 -26.19 -9.56 -24.84
C ASP D 58 -24.89 -9.03 -25.46
N TRP D 59 -24.21 -8.12 -24.73
CA TRP D 59 -22.98 -7.48 -25.16
C TRP D 59 -21.77 -8.40 -24.98
N VAL D 60 -20.98 -8.56 -26.06
CA VAL D 60 -19.76 -9.35 -26.03
C VAL D 60 -18.55 -8.42 -26.24
N LEU D 61 -17.69 -8.33 -25.21
CA LEU D 61 -16.44 -7.56 -25.25
C LEU D 61 -15.34 -8.55 -25.58
N THR D 62 -14.37 -8.19 -26.45
CA THR D 62 -13.33 -9.16 -26.86
C THR D 62 -11.85 -8.90 -26.62
N GLN D 63 -11.41 -7.66 -26.53
CA GLN D 63 -9.94 -7.58 -26.40
C GLN D 63 -9.44 -7.67 -24.96
N ASN D 64 -8.39 -8.48 -24.70
CA ASN D 64 -7.84 -8.69 -23.35
C ASN D 64 -7.67 -7.37 -22.60
N ALA D 65 -6.98 -6.38 -23.23
CA ALA D 65 -6.75 -5.03 -22.70
C ALA D 65 -8.05 -4.31 -22.35
N ALA D 66 -9.09 -4.48 -23.22
CA ALA D 66 -10.41 -3.90 -23.02
C ALA D 66 -11.13 -4.59 -21.85
N ILE D 67 -11.07 -5.93 -21.76
CA ILE D 67 -11.69 -6.74 -20.71
C ILE D 67 -11.07 -6.43 -19.35
N LEU D 68 -9.72 -6.40 -19.27
CA LEU D 68 -8.99 -6.06 -18.05
C LEU D 68 -9.36 -4.68 -17.53
N ASN D 69 -9.48 -3.69 -18.46
CA ASN D 69 -9.88 -2.33 -18.09
C ASN D 69 -11.33 -2.23 -17.65
N TYR D 70 -12.23 -3.00 -18.29
CA TYR D 70 -13.64 -3.05 -17.96
C TYR D 70 -13.80 -3.63 -16.55
N ILE D 71 -13.14 -4.79 -16.23
CA ILE D 71 -13.18 -5.41 -14.91
C ILE D 71 -12.70 -4.39 -13.85
N THR D 72 -11.59 -3.67 -14.14
CA THR D 72 -11.05 -2.61 -13.26
C THR D 72 -12.09 -1.53 -12.98
N ASP D 73 -12.75 -1.04 -14.07
CA ASP D 73 -13.78 -0.01 -14.02
C ASP D 73 -15.02 -0.37 -13.18
N ILE D 74 -15.43 -1.65 -13.20
CA ILE D 74 -16.61 -2.14 -12.48
C ILE D 74 -16.30 -2.58 -11.03
N ALA D 75 -15.03 -2.87 -10.72
CA ALA D 75 -14.61 -3.32 -9.39
C ALA D 75 -14.85 -2.23 -8.32
N PRO D 76 -15.37 -2.59 -7.12
CA PRO D 76 -15.53 -1.58 -6.06
C PRO D 76 -14.16 -1.02 -5.69
N ALA D 77 -14.09 0.31 -5.45
CA ALA D 77 -12.87 1.04 -5.10
C ALA D 77 -12.01 0.38 -4.01
N GLU D 78 -12.68 -0.26 -3.03
CA GLU D 78 -12.07 -0.96 -1.91
C GLU D 78 -11.19 -2.14 -2.31
N ARG D 79 -11.38 -2.64 -3.55
CA ARG D 79 -10.57 -3.73 -4.10
C ARG D 79 -9.15 -3.28 -4.50
N GLY D 80 -8.97 -1.95 -4.65
CA GLY D 80 -7.68 -1.29 -4.96
C GLY D 80 -6.99 -1.72 -6.25
N LEU D 81 -7.81 -1.94 -7.31
CA LEU D 81 -7.33 -2.37 -8.64
C LEU D 81 -7.08 -1.21 -9.63
N SER D 82 -7.38 0.06 -9.21
CA SER D 82 -7.15 1.28 -9.99
C SER D 82 -6.05 2.20 -9.37
N GLY D 83 -5.30 1.68 -8.40
CA GLY D 83 -4.28 2.43 -7.67
C GLY D 83 -4.95 3.55 -6.88
N ASP D 84 -4.41 4.79 -6.99
CA ASP D 84 -4.98 5.99 -6.41
C ASP D 84 -6.20 6.50 -7.24
N GLY D 85 -6.45 5.87 -8.40
CA GLY D 85 -7.59 6.18 -9.26
C GLY D 85 -7.44 7.36 -10.18
N SER D 86 -6.27 8.00 -10.16
CA SER D 86 -5.95 9.13 -11.02
C SER D 86 -5.70 8.66 -12.47
N LEU D 87 -5.55 9.65 -13.39
CA LEU D 87 -5.27 9.40 -14.81
C LEU D 87 -3.89 8.80 -14.96
N LYS D 88 -2.89 9.25 -14.16
CA LYS D 88 -1.54 8.72 -14.14
C LYS D 88 -1.58 7.26 -13.66
N ALA D 89 -2.40 6.93 -12.65
CA ALA D 89 -2.56 5.57 -12.11
C ALA D 89 -3.13 4.63 -13.15
N ARG D 90 -4.15 5.08 -13.91
CA ARG D 90 -4.77 4.29 -14.97
C ARG D 90 -3.83 4.12 -16.16
N ALA D 91 -3.00 5.13 -16.43
CA ALA D 91 -2.00 5.15 -17.48
C ALA D 91 -0.83 4.19 -17.17
N GLU D 92 -0.45 4.07 -15.88
CA GLU D 92 0.58 3.15 -15.40
C GLU D 92 0.13 1.71 -15.55
N ILE D 93 -1.16 1.43 -15.24
CA ILE D 93 -1.79 0.12 -15.41
C ILE D 93 -1.80 -0.21 -16.90
N ASN D 94 -2.26 0.74 -17.72
CA ASN D 94 -2.37 0.61 -19.17
C ASN D 94 -1.04 0.31 -19.87
N ARG D 95 0.05 1.01 -19.48
CA ARG D 95 1.37 0.81 -20.07
C ARG D 95 1.89 -0.62 -19.83
N TRP D 96 1.65 -1.16 -18.62
CA TRP D 96 2.06 -2.52 -18.26
C TRP D 96 1.14 -3.58 -18.84
N ILE D 97 -0.16 -3.28 -19.03
CA ILE D 97 -1.08 -4.19 -19.72
C ILE D 97 -0.63 -4.29 -21.20
N ALA D 98 -0.33 -3.12 -21.84
CA ALA D 98 0.10 -3.00 -23.24
C ALA D 98 1.43 -3.67 -23.48
N PHE D 99 2.32 -3.65 -22.49
CA PHE D 99 3.62 -4.32 -22.54
C PHE D 99 3.43 -5.82 -22.75
N SER D 100 2.54 -6.45 -21.96
CA SER D 100 2.27 -7.89 -22.11
C SER D 100 1.44 -8.18 -23.33
N ASN D 101 0.44 -7.32 -23.60
CA ASN D 101 -0.49 -7.44 -24.72
C ASN D 101 0.12 -7.29 -26.09
N SER D 102 0.92 -6.24 -26.30
CA SER D 102 1.45 -5.89 -27.63
C SER D 102 2.97 -6.09 -27.85
N ASP D 103 3.73 -6.31 -26.76
CA ASP D 103 5.16 -6.56 -26.89
C ASP D 103 5.49 -8.00 -26.59
N VAL D 104 5.03 -8.51 -25.41
CA VAL D 104 5.33 -9.88 -24.97
C VAL D 104 4.52 -10.92 -25.72
N HIS D 105 3.18 -10.85 -25.61
CA HIS D 105 2.25 -11.80 -26.22
C HIS D 105 2.54 -12.11 -27.73
N PRO D 106 2.68 -11.10 -28.64
CA PRO D 106 2.97 -11.45 -30.05
C PRO D 106 4.33 -12.07 -30.33
N MET D 107 5.30 -11.89 -29.43
CA MET D 107 6.61 -12.52 -29.55
C MET D 107 6.53 -14.06 -29.34
N TYR D 108 5.40 -14.54 -28.79
CA TYR D 108 5.14 -15.96 -28.57
C TYR D 108 4.61 -16.65 -29.81
N TRP D 109 4.21 -15.89 -30.84
CA TRP D 109 3.63 -16.45 -32.09
C TRP D 109 4.41 -17.59 -32.75
N ALA D 110 5.74 -17.42 -32.95
CA ALA D 110 6.62 -18.46 -33.53
C ALA D 110 6.73 -19.69 -32.60
N LEU D 111 6.60 -19.47 -31.28
CA LEU D 111 6.68 -20.51 -30.25
C LEU D 111 5.39 -21.31 -30.11
N PHE D 112 4.30 -20.84 -30.75
CA PHE D 112 3.01 -21.52 -30.73
C PHE D 112 2.50 -21.86 -32.14
N GLY D 113 3.43 -22.24 -33.02
CA GLY D 113 3.18 -22.67 -34.40
C GLY D 113 2.90 -21.62 -35.44
N GLY D 114 3.13 -20.34 -35.12
CA GLY D 114 2.89 -19.22 -36.05
C GLY D 114 3.83 -19.12 -37.23
N THR D 115 4.97 -19.84 -37.19
CA THR D 115 5.94 -19.85 -38.29
C THR D 115 5.98 -21.18 -39.05
N ALA D 116 4.91 -22.00 -38.94
CA ALA D 116 4.80 -23.30 -39.62
C ALA D 116 4.88 -23.17 -41.14
N TYR D 117 4.43 -22.01 -41.70
CA TYR D 117 4.47 -21.69 -43.14
C TYR D 117 5.90 -21.77 -43.73
N LEU D 118 6.95 -21.60 -42.87
CA LEU D 118 8.35 -21.67 -43.27
C LEU D 118 8.71 -23.06 -43.79
N GLN D 119 7.98 -24.10 -43.30
CA GLN D 119 8.08 -25.52 -43.67
C GLN D 119 9.38 -26.20 -43.23
N ASP D 120 10.54 -25.61 -43.57
CA ASP D 120 11.88 -26.10 -43.24
C ASP D 120 12.08 -26.12 -41.71
N PRO D 121 12.39 -27.30 -41.11
CA PRO D 121 12.53 -27.40 -39.64
C PRO D 121 13.58 -26.50 -39.00
N GLN D 122 14.74 -26.32 -39.67
CA GLN D 122 15.84 -25.47 -39.20
C GLN D 122 15.38 -24.00 -39.11
N MET D 123 14.62 -23.52 -40.14
CA MET D 123 14.09 -22.15 -40.18
C MET D 123 13.06 -21.91 -39.10
N ILE D 124 12.15 -22.90 -38.88
CA ILE D 124 11.12 -22.86 -37.82
C ILE D 124 11.82 -22.77 -36.43
N ALA D 125 12.86 -23.59 -36.21
CA ALA D 125 13.67 -23.59 -34.98
C ALA D 125 14.37 -22.25 -34.75
N ARG D 126 14.92 -21.61 -35.82
CA ARG D 126 15.57 -20.30 -35.75
C ARG D 126 14.58 -19.24 -35.34
N SER D 127 13.33 -19.32 -35.85
CA SER D 127 12.24 -18.40 -35.53
C SER D 127 11.85 -18.53 -34.06
N GLN D 128 11.90 -19.76 -33.52
CA GLN D 128 11.63 -20.03 -32.11
C GLN D 128 12.74 -19.51 -31.21
N ASP D 129 14.02 -19.68 -31.63
CA ASP D 129 15.19 -19.19 -30.91
C ASP D 129 15.17 -17.67 -30.82
N ASN D 130 14.81 -17.00 -31.95
CA ASN D 130 14.69 -15.57 -32.04
C ASN D 130 13.61 -15.04 -31.06
N ALA D 131 12.44 -15.72 -31.04
CA ALA D 131 11.32 -15.38 -30.16
C ALA D 131 11.77 -15.46 -28.69
N ARG D 132 12.54 -16.50 -28.33
CA ARG D 132 13.07 -16.73 -26.98
C ARG D 132 14.09 -15.65 -26.60
N GLN D 133 14.96 -15.25 -27.55
CA GLN D 133 15.98 -14.22 -27.31
C GLN D 133 15.34 -12.86 -27.08
N LYS D 134 14.33 -12.50 -27.89
CA LYS D 134 13.61 -11.23 -27.79
C LYS D 134 12.78 -11.17 -26.50
N LEU D 135 12.21 -12.32 -26.09
CA LEU D 135 11.43 -12.43 -24.87
C LEU D 135 12.31 -12.28 -23.63
N ARG D 136 13.53 -12.85 -23.63
CA ARG D 136 14.46 -12.68 -22.50
C ARG D 136 14.80 -11.16 -22.32
N VAL D 137 14.95 -10.40 -23.43
CA VAL D 137 15.23 -8.95 -23.41
C VAL D 137 14.03 -8.17 -22.77
N LEU D 138 12.81 -8.53 -23.16
CA LEU D 138 11.57 -7.94 -22.64
C LEU D 138 11.38 -8.26 -21.15
N TYR D 139 11.70 -9.50 -20.74
CA TYR D 139 11.62 -9.93 -19.35
C TYR D 139 12.70 -9.32 -18.47
N GLN D 140 13.86 -8.95 -19.06
CA GLN D 140 14.95 -8.26 -18.37
C GLN D 140 14.50 -6.84 -17.99
N ARG D 141 13.69 -6.23 -18.87
CA ARG D 141 13.11 -4.91 -18.73
C ARG D 141 12.12 -4.93 -17.55
N ALA D 142 11.23 -5.95 -17.51
CA ALA D 142 10.25 -6.20 -16.45
C ALA D 142 10.97 -6.45 -15.11
N ASP D 143 12.04 -7.24 -15.16
CA ASP D 143 12.85 -7.57 -14.00
C ASP D 143 13.49 -6.32 -13.41
N ALA D 144 14.04 -5.46 -14.27
CA ALA D 144 14.69 -4.19 -13.86
C ALA D 144 13.68 -3.28 -13.14
N HIS D 145 12.42 -3.25 -13.64
CA HIS D 145 11.33 -2.50 -13.04
C HIS D 145 10.89 -3.11 -11.69
N LEU D 146 10.80 -4.46 -11.64
CA LEU D 146 10.40 -5.19 -10.43
C LEU D 146 11.45 -5.22 -9.31
N LYS D 147 12.69 -4.80 -9.62
CA LYS D 147 13.77 -4.71 -8.62
C LYS D 147 13.44 -3.67 -7.56
N HIS D 148 12.71 -2.61 -7.96
CA HIS D 148 12.34 -1.51 -7.07
C HIS D 148 10.80 -1.33 -6.88
N HIS D 149 9.99 -2.28 -7.36
CA HIS D 149 8.52 -2.24 -7.27
C HIS D 149 7.98 -3.66 -7.05
N ASN D 150 7.05 -3.86 -6.10
CA ASN D 150 6.52 -5.20 -5.86
C ASN D 150 5.47 -5.63 -6.87
N TRP D 151 4.79 -4.64 -7.45
CA TRP D 151 3.76 -4.74 -8.48
C TRP D 151 4.16 -3.80 -9.61
N LEU D 152 3.66 -4.05 -10.81
CA LEU D 152 4.03 -3.31 -12.03
C LEU D 152 3.65 -1.86 -12.04
N ALA D 153 2.39 -1.55 -11.72
CA ALA D 153 1.92 -0.19 -11.72
C ALA D 153 1.49 0.27 -10.35
N ASN D 154 1.91 1.52 -9.97
CA ASN D 154 1.46 2.22 -8.75
C ASN D 154 1.72 1.48 -7.43
N GLY D 155 2.63 0.51 -7.43
CA GLY D 155 2.99 -0.32 -6.27
C GLY D 155 1.84 -1.13 -5.71
N GLN D 156 0.77 -1.32 -6.49
CA GLN D 156 -0.46 -2.04 -6.14
C GLN D 156 -0.87 -2.93 -7.25
N ARG D 157 -1.32 -4.16 -6.92
CA ARG D 157 -1.77 -5.14 -7.88
C ARG D 157 -2.88 -4.65 -8.80
N SER D 158 -2.76 -5.00 -10.08
CA SER D 158 -3.69 -4.60 -11.13
C SER D 158 -3.74 -5.69 -12.21
N GLY D 159 -4.51 -5.46 -13.27
CA GLY D 159 -4.65 -6.37 -14.41
C GLY D 159 -3.34 -6.58 -15.14
N ALA D 160 -2.41 -5.60 -15.01
CA ALA D 160 -1.06 -5.61 -15.58
C ALA D 160 -0.28 -6.78 -15.00
N ASP D 161 -0.41 -7.00 -13.66
CA ASP D 161 0.27 -8.07 -12.94
C ASP D 161 -0.26 -9.44 -13.38
N ALA D 162 -1.60 -9.56 -13.52
CA ALA D 162 -2.28 -10.77 -13.97
C ALA D 162 -1.81 -11.17 -15.37
N TYR D 163 -1.66 -10.18 -16.27
CA TYR D 163 -1.21 -10.41 -17.65
C TYR D 163 0.26 -10.85 -17.70
N LEU D 164 1.17 -10.13 -17.01
CA LEU D 164 2.59 -10.52 -16.99
C LEU D 164 2.81 -11.95 -16.48
N TYR D 165 2.11 -12.32 -15.40
CA TYR D 165 2.17 -13.67 -14.80
C TYR D 165 1.75 -14.77 -15.80
N VAL D 166 0.68 -14.50 -16.58
CA VAL D 166 0.13 -15.44 -17.55
C VAL D 166 1.14 -15.78 -18.65
N THR D 167 1.92 -14.80 -19.11
CA THR D 167 2.94 -14.98 -20.15
C THR D 167 4.16 -15.70 -19.55
N LEU D 168 4.41 -15.49 -18.24
CA LEU D 168 5.53 -16.15 -17.57
C LEU D 168 5.31 -17.66 -17.46
N ARG D 169 4.02 -18.07 -17.41
CA ARG D 169 3.60 -19.46 -17.41
C ARG D 169 3.95 -20.06 -18.78
N TRP D 170 3.75 -19.28 -19.87
CA TRP D 170 4.10 -19.74 -21.24
C TRP D 170 5.61 -19.87 -21.39
N ALA D 171 6.37 -18.90 -20.83
CA ALA D 171 7.84 -18.86 -20.83
C ALA D 171 8.42 -20.16 -20.30
N LYS D 172 7.88 -20.64 -19.20
CA LYS D 172 8.29 -21.89 -18.55
C LYS D 172 7.97 -23.12 -19.36
N LYS D 173 6.90 -23.06 -20.17
CA LYS D 173 6.43 -24.15 -21.02
C LYS D 173 7.17 -24.22 -22.37
N VAL D 174 7.62 -23.05 -22.92
CA VAL D 174 8.30 -22.94 -24.21
C VAL D 174 9.83 -22.80 -24.20
N GLY D 175 10.44 -22.82 -23.02
CA GLY D 175 11.88 -22.73 -22.90
C GLY D 175 12.50 -21.34 -22.96
N VAL D 176 11.75 -20.29 -22.55
CA VAL D 176 12.30 -18.93 -22.49
C VAL D 176 13.22 -18.87 -21.28
N ASP D 177 14.47 -18.41 -21.47
CA ASP D 177 15.47 -18.25 -20.43
C ASP D 177 15.11 -17.12 -19.45
N LEU D 178 14.76 -17.47 -18.21
CA LEU D 178 14.39 -16.48 -17.20
C LEU D 178 15.43 -16.45 -16.07
N SER D 179 16.60 -17.11 -16.31
CA SER D 179 17.70 -17.18 -15.34
C SER D 179 18.30 -15.81 -15.07
N SER D 180 18.71 -15.59 -13.80
CA SER D 180 19.29 -14.36 -13.26
C SER D 180 18.31 -13.16 -13.20
N LEU D 181 17.02 -13.45 -13.44
CA LEU D 181 15.95 -12.47 -13.34
C LEU D 181 15.23 -12.70 -12.01
N ASP D 182 15.92 -12.36 -10.92
CA ASP D 182 15.52 -12.58 -9.52
C ASP D 182 14.28 -11.83 -9.08
N ALA D 183 14.12 -10.57 -9.51
CA ALA D 183 12.96 -9.77 -9.17
C ALA D 183 11.70 -10.32 -9.88
N LEU D 184 11.83 -10.75 -11.15
CA LEU D 184 10.71 -11.31 -11.92
C LEU D 184 10.35 -12.71 -11.39
N SER D 185 11.37 -13.44 -10.91
CA SER D 185 11.23 -14.76 -10.28
C SER D 185 10.43 -14.63 -8.98
N ALA D 186 10.77 -13.62 -8.13
CA ALA D 186 10.08 -13.33 -6.88
C ALA D 186 8.62 -12.91 -7.14
N PHE D 187 8.40 -12.15 -8.23
CA PHE D 187 7.07 -11.72 -8.68
C PHE D 187 6.23 -12.95 -9.02
N PHE D 188 6.80 -13.88 -9.80
CA PHE D 188 6.15 -15.14 -10.20
C PHE D 188 5.74 -15.96 -8.96
N GLU D 189 6.61 -16.01 -7.94
CA GLU D 189 6.38 -16.71 -6.68
C GLU D 189 5.26 -16.06 -5.86
N ARG D 190 5.25 -14.72 -5.77
CA ARG D 190 4.20 -13.95 -5.08
C ARG D 190 2.86 -14.24 -5.72
N MET D 191 2.84 -14.30 -7.06
CA MET D 191 1.63 -14.58 -7.82
C MET D 191 1.10 -15.99 -7.56
N GLU D 192 1.96 -17.00 -7.64
CA GLU D 192 1.57 -18.39 -7.38
C GLU D 192 1.08 -18.68 -5.97
N ALA D 193 1.46 -17.80 -5.01
CA ALA D 193 1.09 -17.88 -3.60
C ALA D 193 -0.23 -17.14 -3.34
N ASP D 194 -0.69 -16.33 -4.36
CA ASP D 194 -1.92 -15.56 -4.27
C ASP D 194 -3.17 -16.46 -4.33
N PRO D 195 -4.13 -16.28 -3.39
CA PRO D 195 -5.33 -17.13 -3.39
C PRO D 195 -6.23 -16.98 -4.61
N GLY D 196 -6.33 -15.78 -5.19
CA GLY D 196 -7.14 -15.50 -6.36
C GLY D 196 -6.58 -16.17 -7.59
N VAL D 197 -5.24 -16.19 -7.70
CA VAL D 197 -4.49 -16.84 -8.78
C VAL D 197 -4.74 -18.35 -8.68
N GLN D 198 -4.51 -18.93 -7.49
CA GLN D 198 -4.70 -20.35 -7.21
C GLN D 198 -6.12 -20.83 -7.52
N ALA D 199 -7.12 -20.00 -7.15
CA ALA D 199 -8.53 -20.30 -7.37
C ALA D 199 -8.83 -20.36 -8.87
N ALA D 200 -8.21 -19.45 -9.65
CA ALA D 200 -8.28 -19.38 -11.10
C ALA D 200 -7.61 -20.59 -11.76
N LEU D 201 -6.35 -20.90 -11.38
CA LEU D 201 -5.58 -22.04 -11.88
C LEU D 201 -6.34 -23.35 -11.65
N GLN D 202 -6.91 -23.53 -10.44
CA GLN D 202 -7.67 -24.72 -10.09
C GLN D 202 -8.95 -24.87 -10.92
N ALA D 203 -9.75 -23.78 -11.04
CA ALA D 203 -10.97 -23.73 -11.85
C ALA D 203 -10.70 -24.07 -13.32
N GLU D 204 -9.51 -23.70 -13.82
CA GLU D 204 -9.07 -23.95 -15.18
C GLU D 204 -8.42 -25.34 -15.34
N GLY D 205 -8.22 -26.05 -14.22
CA GLY D 205 -7.60 -27.37 -14.20
C GLY D 205 -6.11 -27.34 -14.48
N LEU D 206 -5.45 -26.26 -14.04
CA LEU D 206 -4.03 -26.02 -14.25
C LEU D 206 -3.20 -26.25 -13.00
N ILE D 207 -1.86 -26.18 -13.16
CA ILE D 207 -0.84 -26.34 -12.12
C ILE D 207 0.31 -25.34 -12.43
N MET E 3 -19.47 33.10 -8.46
CA MET E 3 -18.29 32.87 -7.62
C MET E 3 -17.03 33.43 -8.25
N LYS E 4 -16.34 34.32 -7.55
CA LYS E 4 -15.11 34.94 -8.06
C LYS E 4 -13.93 34.64 -7.16
N LEU E 5 -12.88 34.05 -7.72
CA LEU E 5 -11.65 33.75 -6.99
C LEU E 5 -10.57 34.77 -7.40
N TYR E 6 -10.09 35.52 -6.42
CA TYR E 6 -9.05 36.53 -6.57
C TYR E 6 -7.73 35.81 -6.43
N ILE E 7 -6.95 35.81 -7.51
CA ILE E 7 -5.68 35.11 -7.56
C ILE E 7 -4.50 36.00 -7.94
N MET E 8 -3.32 35.44 -7.74
CA MET E 8 -2.02 35.84 -8.23
C MET E 8 -1.47 34.54 -8.82
N PRO E 9 -1.00 34.53 -10.09
CA PRO E 9 -0.53 33.28 -10.71
C PRO E 9 0.58 32.57 -9.94
N GLY E 10 0.34 31.29 -9.65
CA GLY E 10 1.26 30.42 -8.92
C GLY E 10 1.29 30.60 -7.42
N ALA E 11 0.47 31.52 -6.90
CA ALA E 11 0.41 31.79 -5.46
C ALA E 11 -0.42 30.71 -4.77
N CYS E 12 -0.53 30.77 -3.42
CA CYS E 12 -1.29 29.80 -2.63
C CYS E 12 -2.74 29.63 -3.13
N SER E 13 -3.29 30.65 -3.77
CA SER E 13 -4.64 30.68 -4.32
C SER E 13 -4.87 29.61 -5.42
N LEU E 14 -3.77 29.12 -6.04
CA LEU E 14 -3.82 28.10 -7.06
C LEU E 14 -4.41 26.80 -6.47
N ALA E 15 -4.22 26.57 -5.14
CA ALA E 15 -4.76 25.41 -4.42
C ALA E 15 -6.30 25.45 -4.47
N ASP E 16 -6.89 26.65 -4.26
CA ASP E 16 -8.33 26.91 -4.28
C ASP E 16 -8.86 26.77 -5.69
N HIS E 17 -8.07 27.24 -6.65
CA HIS E 17 -8.34 27.18 -8.09
C HIS E 17 -8.43 25.72 -8.53
N ILE E 18 -7.42 24.90 -8.20
CA ILE E 18 -7.39 23.45 -8.47
C ILE E 18 -8.64 22.77 -7.87
N LEU E 19 -8.97 23.03 -6.58
CA LEU E 19 -10.14 22.46 -5.93
C LEU E 19 -11.46 22.85 -6.58
N LEU E 20 -11.59 24.13 -7.00
CA LEU E 20 -12.78 24.63 -7.71
C LEU E 20 -13.05 23.84 -8.99
N ARG E 21 -11.97 23.47 -9.71
CA ARG E 21 -12.04 22.66 -10.91
C ARG E 21 -12.41 21.23 -10.59
N TRP E 22 -11.87 20.66 -9.50
CA TRP E 22 -12.22 19.31 -9.09
C TRP E 22 -13.67 19.21 -8.63
N SER E 23 -14.20 20.29 -8.02
CA SER E 23 -15.58 20.37 -7.51
C SER E 23 -16.63 20.47 -8.64
N GLY E 24 -16.18 20.92 -9.80
CA GLY E 24 -17.01 21.09 -10.99
C GLY E 24 -17.83 22.36 -10.94
N SER E 25 -17.54 23.24 -9.96
CA SER E 25 -18.24 24.50 -9.73
C SER E 25 -17.98 25.53 -10.81
N SER E 26 -18.97 26.40 -11.02
CA SER E 26 -18.91 27.53 -11.94
C SER E 26 -18.26 28.68 -11.15
N PHE E 27 -17.23 29.32 -11.75
CA PHE E 27 -16.49 30.40 -11.11
C PHE E 27 -15.77 31.29 -12.11
N ASP E 28 -15.43 32.50 -11.67
CA ASP E 28 -14.67 33.49 -12.43
C ASP E 28 -13.34 33.69 -11.72
N LEU E 29 -12.32 34.05 -12.47
CA LEU E 29 -11.00 34.36 -11.92
C LEU E 29 -10.79 35.87 -12.03
N GLN E 30 -10.21 36.48 -10.98
CA GLN E 30 -9.83 37.87 -10.98
C GLN E 30 -8.33 37.90 -10.66
N PHE E 31 -7.53 38.29 -11.64
CA PHE E 31 -6.07 38.32 -11.54
C PHE E 31 -5.56 39.59 -10.82
N LEU E 32 -4.61 39.42 -9.88
CA LEU E 32 -3.98 40.49 -9.11
C LEU E 32 -2.45 40.47 -9.16
N ASP E 33 -1.83 41.67 -8.96
CA ASP E 33 -0.38 41.93 -8.89
C ASP E 33 -0.04 42.23 -7.43
N HIS E 34 1.27 42.35 -7.11
CA HIS E 34 1.74 42.75 -5.78
C HIS E 34 1.35 44.22 -5.56
N GLN E 35 1.03 44.93 -6.67
CA GLN E 35 0.61 46.33 -6.71
C GLN E 35 -0.92 46.43 -6.60
N SER E 36 -1.67 45.69 -7.48
CA SER E 36 -3.15 45.67 -7.52
C SER E 36 -3.81 45.15 -6.23
N MET E 37 -3.09 44.30 -5.48
CA MET E 37 -3.51 43.73 -4.21
C MET E 37 -3.52 44.79 -3.09
N LYS E 38 -2.59 45.77 -3.17
CA LYS E 38 -2.43 46.87 -2.23
C LYS E 38 -3.26 48.10 -2.67
N ALA E 39 -4.01 48.00 -3.78
CA ALA E 39 -4.89 49.06 -4.30
C ALA E 39 -6.16 49.17 -3.44
N PRO E 40 -6.78 50.36 -3.27
CA PRO E 40 -7.96 50.48 -2.39
C PRO E 40 -9.21 49.68 -2.78
N GLU E 41 -9.37 49.36 -4.09
CA GLU E 41 -10.51 48.58 -4.60
C GLU E 41 -10.54 47.16 -4.01
N TYR E 42 -9.38 46.47 -4.01
CA TYR E 42 -9.24 45.12 -3.44
C TYR E 42 -9.12 45.17 -1.90
N LEU E 43 -8.49 46.24 -1.34
CA LEU E 43 -8.36 46.43 0.10
C LEU E 43 -9.72 46.62 0.78
N ALA E 44 -10.74 47.03 0.00
CA ALA E 44 -12.13 47.20 0.46
C ALA E 44 -12.76 45.80 0.64
N LEU E 45 -12.34 44.81 -0.20
CA LEU E 45 -12.81 43.42 -0.15
C LEU E 45 -12.02 42.61 0.91
N ASN E 46 -10.67 42.69 0.83
CA ASN E 46 -9.75 42.07 1.78
C ASN E 46 -8.75 43.12 2.31
N PRO E 47 -8.98 43.62 3.56
CA PRO E 47 -8.04 44.61 4.14
C PRO E 47 -6.62 44.10 4.38
N SER E 48 -6.45 42.76 4.48
CA SER E 48 -5.16 42.09 4.67
C SER E 48 -4.24 42.24 3.42
N GLY E 49 -4.84 42.60 2.27
CA GLY E 49 -4.17 42.82 0.99
C GLY E 49 -3.38 41.64 0.51
N ALA E 50 -4.00 40.44 0.60
CA ALA E 50 -3.40 39.16 0.23
C ALA E 50 -4.38 38.25 -0.47
N VAL E 51 -3.87 37.36 -1.31
CA VAL E 51 -4.67 36.36 -2.00
C VAL E 51 -4.51 35.05 -1.21
N PRO E 52 -5.50 34.12 -1.23
CA PRO E 52 -6.77 34.16 -1.95
C PRO E 52 -7.89 34.94 -1.27
N ALA E 53 -8.91 35.23 -2.06
CA ALA E 53 -10.18 35.78 -1.65
C ALA E 53 -11.20 35.13 -2.57
N LEU E 54 -12.27 34.62 -1.97
CA LEU E 54 -13.35 34.02 -2.74
C LEU E 54 -14.61 34.85 -2.46
N GLN E 55 -15.13 35.48 -3.51
CA GLN E 55 -16.34 36.27 -3.42
C GLN E 55 -17.54 35.43 -3.84
N VAL E 56 -18.51 35.26 -2.92
CA VAL E 56 -19.74 34.52 -3.16
C VAL E 56 -20.84 35.56 -2.96
N GLY E 57 -21.26 36.16 -4.07
CA GLY E 57 -22.23 37.26 -4.08
C GLY E 57 -21.54 38.49 -3.52
N ASP E 58 -22.07 39.02 -2.39
CA ASP E 58 -21.53 40.19 -1.68
C ASP E 58 -20.51 39.79 -0.62
N TRP E 59 -20.53 38.50 -0.22
CA TRP E 59 -19.67 37.94 0.81
C TRP E 59 -18.27 37.63 0.28
N VAL E 60 -17.23 38.09 0.98
CA VAL E 60 -15.84 37.83 0.64
C VAL E 60 -15.21 36.95 1.74
N LEU E 61 -14.82 35.72 1.38
CA LEU E 61 -14.14 34.78 2.26
C LEU E 61 -12.63 34.90 1.95
N THR E 62 -11.76 34.88 2.97
CA THR E 62 -10.33 35.10 2.73
C THR E 62 -9.29 34.08 3.11
N GLN E 63 -9.55 33.18 4.03
CA GLN E 63 -8.36 32.34 4.31
C GLN E 63 -8.31 31.10 3.45
N ASN E 64 -7.15 30.73 2.92
CA ASN E 64 -6.97 29.52 2.09
C ASN E 64 -7.64 28.27 2.70
N ALA E 65 -7.37 27.98 4.00
CA ALA E 65 -7.93 26.85 4.77
C ALA E 65 -9.48 26.95 4.81
N ALA E 66 -10.01 28.19 4.98
CA ALA E 66 -11.46 28.45 5.03
C ALA E 66 -12.06 28.27 3.62
N ILE E 67 -11.39 28.80 2.56
CA ILE E 67 -11.81 28.70 1.16
C ILE E 67 -11.85 27.22 0.71
N LEU E 68 -10.77 26.47 0.98
CA LEU E 68 -10.67 25.05 0.65
C LEU E 68 -11.79 24.25 1.31
N ASN E 69 -12.08 24.54 2.61
CA ASN E 69 -13.18 23.88 3.33
C ASN E 69 -14.56 24.26 2.82
N TYR E 70 -14.75 25.54 2.44
CA TYR E 70 -15.99 26.03 1.86
C TYR E 70 -16.26 25.34 0.50
N ILE E 71 -15.25 25.28 -0.40
CA ILE E 71 -15.37 24.61 -1.71
C ILE E 71 -15.76 23.14 -1.48
N THR E 72 -15.10 22.46 -0.51
CA THR E 72 -15.38 21.07 -0.15
C THR E 72 -16.85 20.91 0.27
N ASP E 73 -17.34 21.81 1.14
CA ASP E 73 -18.69 21.82 1.67
C ASP E 73 -19.77 21.96 0.61
N ILE E 74 -19.51 22.77 -0.44
CA ILE E 74 -20.46 23.03 -1.53
C ILE E 74 -20.41 22.03 -2.68
N ALA E 75 -19.27 21.28 -2.79
CA ALA E 75 -19.08 20.30 -3.86
C ALA E 75 -20.08 19.13 -3.74
N PRO E 76 -20.69 18.67 -4.86
CA PRO E 76 -21.59 17.51 -4.77
C PRO E 76 -20.81 16.29 -4.29
N ALA E 77 -21.44 15.47 -3.44
CA ALA E 77 -20.85 14.26 -2.85
C ALA E 77 -20.17 13.34 -3.86
N GLU E 78 -20.74 13.25 -5.09
CA GLU E 78 -20.22 12.44 -6.19
C GLU E 78 -18.82 12.85 -6.64
N ARG E 79 -18.38 14.07 -6.30
CA ARG E 79 -17.04 14.58 -6.62
C ARG E 79 -15.97 13.95 -5.74
N GLY E 80 -16.37 13.35 -4.61
CA GLY E 80 -15.53 12.65 -3.65
C GLY E 80 -14.40 13.45 -3.01
N LEU E 81 -14.70 14.72 -2.68
CA LEU E 81 -13.73 15.65 -2.08
C LEU E 81 -13.79 15.74 -0.55
N SER E 82 -14.75 15.04 0.08
CA SER E 82 -14.94 15.01 1.54
C SER E 82 -14.69 13.60 2.15
N GLY E 83 -14.10 12.71 1.36
CA GLY E 83 -13.92 11.31 1.76
C GLY E 83 -15.27 10.65 1.88
N ASP E 84 -15.52 9.95 3.01
CA ASP E 84 -16.83 9.35 3.27
C ASP E 84 -17.81 10.37 3.87
N GLY E 85 -17.33 11.59 4.08
CA GLY E 85 -18.12 12.69 4.61
C GLY E 85 -18.29 12.71 6.12
N SER E 86 -17.61 11.80 6.81
CA SER E 86 -17.67 11.70 8.27
C SER E 86 -16.81 12.79 8.89
N LEU E 87 -16.93 12.94 10.23
CA LEU E 87 -16.18 13.89 11.04
C LEU E 87 -14.71 13.56 11.03
N LYS E 88 -14.36 12.25 11.09
CA LYS E 88 -12.98 11.76 11.01
C LYS E 88 -12.39 12.09 9.64
N ALA E 89 -13.20 11.93 8.56
CA ALA E 89 -12.78 12.21 7.17
C ALA E 89 -12.45 13.68 7.00
N ARG E 90 -13.30 14.57 7.58
CA ARG E 90 -13.10 16.02 7.51
C ARG E 90 -11.92 16.48 8.35
N ALA E 91 -11.63 15.74 9.44
CA ALA E 91 -10.51 15.97 10.34
C ALA E 91 -9.18 15.61 9.70
N GLU E 92 -9.13 14.51 8.90
CA GLU E 92 -7.94 14.06 8.18
C GLU E 92 -7.65 15.01 7.03
N ILE E 93 -8.71 15.59 6.42
CA ILE E 93 -8.56 16.61 5.39
C ILE E 93 -7.95 17.84 6.04
N ASN E 94 -8.55 18.32 7.13
CA ASN E 94 -8.13 19.47 7.93
C ASN E 94 -6.68 19.44 8.43
N ARG E 95 -6.21 18.29 8.94
N ARG E 95 -6.21 18.29 8.94
CA ARG E 95 -4.82 18.15 9.42
CA ARG E 95 -4.83 18.12 9.42
C ARG E 95 -3.77 18.25 8.30
C ARG E 95 -3.79 18.31 8.29
N TRP E 96 -4.10 17.78 7.09
CA TRP E 96 -3.20 17.89 5.94
C TRP E 96 -3.29 19.26 5.28
N ILE E 97 -4.48 19.91 5.33
CA ILE E 97 -4.61 21.31 4.87
C ILE E 97 -3.76 22.21 5.81
N ALA E 98 -3.88 21.99 7.15
CA ALA E 98 -3.16 22.76 8.18
C ALA E 98 -1.65 22.54 8.10
N PHE E 99 -1.21 21.37 7.69
CA PHE E 99 0.20 21.00 7.50
C PHE E 99 0.81 21.94 6.43
N SER E 100 0.14 22.12 5.28
CA SER E 100 0.64 22.99 4.22
C SER E 100 0.46 24.46 4.61
N ASN E 101 -0.71 24.78 5.19
CA ASN E 101 -1.10 26.12 5.59
C ASN E 101 -0.27 26.75 6.69
N SER E 102 -0.05 26.01 7.77
CA SER E 102 0.62 26.54 8.97
C SER E 102 2.03 26.01 9.27
N ASP E 103 2.45 24.92 8.60
CA ASP E 103 3.80 24.39 8.79
C ASP E 103 4.66 24.67 7.57
N VAL E 104 4.18 24.27 6.38
CA VAL E 104 4.94 24.42 5.14
C VAL E 104 4.99 25.87 4.66
N HIS E 105 3.82 26.45 4.34
CA HIS E 105 3.68 27.81 3.80
C HIS E 105 4.50 28.89 4.58
N PRO E 106 4.38 29.03 5.93
CA PRO E 106 5.19 30.06 6.61
C PRO E 106 6.71 29.85 6.59
N MET E 107 7.17 28.64 6.37
CA MET E 107 8.60 28.31 6.29
C MET E 107 9.21 28.90 4.99
N TYR E 108 8.34 29.29 4.03
CA TYR E 108 8.73 29.90 2.76
C TYR E 108 8.98 31.41 2.88
N TRP E 109 8.58 32.04 4.01
CA TRP E 109 8.73 33.47 4.25
C TRP E 109 10.12 34.04 3.96
N ALA E 110 11.22 33.38 4.43
CA ALA E 110 12.61 33.82 4.17
C ALA E 110 13.00 33.65 2.71
N LEU E 111 12.37 32.63 2.04
CA LEU E 111 12.60 32.30 0.64
C LEU E 111 11.83 33.19 -0.32
N PHE E 112 10.95 34.07 0.22
CA PHE E 112 10.20 35.05 -0.58
C PHE E 112 10.40 36.49 -0.07
N GLY E 113 11.61 36.79 0.40
CA GLY E 113 12.04 38.12 0.85
C GLY E 113 11.60 38.61 2.23
N GLY E 114 11.08 37.70 3.06
CA GLY E 114 10.61 38.01 4.42
C GLY E 114 11.69 38.39 5.41
N THR E 115 12.95 38.05 5.10
CA THR E 115 14.09 38.37 5.99
C THR E 115 15.01 39.48 5.46
N ALA E 116 14.51 40.33 4.53
CA ALA E 116 15.26 41.46 3.96
C ALA E 116 15.73 42.48 5.03
N TYR E 117 14.97 42.61 6.14
CA TYR E 117 15.27 43.49 7.28
C TYR E 117 16.65 43.18 7.94
N LEU E 118 17.15 41.94 7.74
CA LEU E 118 18.44 41.50 8.27
C LEU E 118 19.58 42.31 7.69
N GLN E 119 19.39 42.80 6.44
CA GLN E 119 20.31 43.64 5.68
C GLN E 119 21.59 42.94 5.18
N ASP E 120 22.31 42.20 6.07
CA ASP E 120 23.55 41.51 5.72
C ASP E 120 23.29 40.30 4.81
N PRO E 121 23.88 40.30 3.57
CA PRO E 121 23.64 39.19 2.62
C PRO E 121 23.90 37.80 3.17
N GLN E 122 24.95 37.62 3.99
CA GLN E 122 25.28 36.35 4.65
C GLN E 122 24.14 35.89 5.59
N MET E 123 23.60 36.84 6.38
CA MET E 123 22.50 36.56 7.32
C MET E 123 21.22 36.19 6.58
N ILE E 124 20.90 36.91 5.47
CA ILE E 124 19.72 36.64 4.63
C ILE E 124 19.83 35.22 4.05
N ALA E 125 21.05 34.86 3.55
CA ALA E 125 21.35 33.54 3.00
C ALA E 125 21.20 32.43 4.07
N ARG E 126 21.60 32.70 5.33
CA ARG E 126 21.47 31.73 6.43
C ARG E 126 20.00 31.45 6.72
N SER E 127 19.18 32.51 6.68
CA SER E 127 17.73 32.43 6.89
C SER E 127 17.08 31.59 5.79
N GLN E 128 17.60 31.70 4.56
CA GLN E 128 17.12 30.93 3.40
C GLN E 128 17.53 29.47 3.51
N ASP E 129 18.78 29.21 3.92
CA ASP E 129 19.29 27.85 4.12
C ASP E 129 18.50 27.12 5.18
N ASN E 130 18.18 27.82 6.31
CA ASN E 130 17.40 27.30 7.41
C ASN E 130 15.99 26.89 6.95
N ALA E 131 15.32 27.78 6.17
CA ALA E 131 14.01 27.58 5.59
C ALA E 131 14.01 26.33 4.70
N ARG E 132 15.03 26.19 3.86
CA ARG E 132 15.23 25.06 2.96
C ARG E 132 15.44 23.75 3.72
N GLN E 133 16.23 23.78 4.83
CA GLN E 133 16.46 22.61 5.66
C GLN E 133 15.23 22.14 6.38
N LYS E 134 14.46 23.07 6.95
CA LYS E 134 13.22 22.79 7.67
C LYS E 134 12.14 22.27 6.71
N LEU E 135 12.11 22.80 5.49
CA LEU E 135 11.20 22.39 4.45
C LEU E 135 11.50 20.98 3.94
N ARG E 136 12.79 20.60 3.89
CA ARG E 136 13.26 19.26 3.53
C ARG E 136 12.68 18.24 4.53
N VAL E 137 12.74 18.55 5.85
CA VAL E 137 12.24 17.74 6.98
C VAL E 137 10.71 17.53 6.87
N LEU E 138 9.96 18.61 6.57
CA LEU E 138 8.52 18.61 6.43
C LEU E 138 8.10 17.76 5.22
N TYR E 139 8.84 17.85 4.11
CA TYR E 139 8.56 17.10 2.90
C TYR E 139 8.92 15.63 3.03
N GLN E 140 9.91 15.29 3.89
CA GLN E 140 10.29 13.93 4.21
C GLN E 140 9.14 13.23 4.97
N ARG E 141 8.46 13.98 5.84
CA ARG E 141 7.30 13.58 6.63
C ARG E 141 6.13 13.27 5.67
N ALA E 142 5.85 14.20 4.70
CA ALA E 142 4.83 14.04 3.68
C ALA E 142 5.11 12.82 2.77
N ASP E 143 6.38 12.64 2.40
CA ASP E 143 6.84 11.52 1.58
C ASP E 143 6.67 10.17 2.32
N ALA E 144 7.01 10.14 3.62
CA ALA E 144 6.88 8.96 4.46
C ALA E 144 5.40 8.56 4.56
N HIS E 145 4.49 9.55 4.56
CA HIS E 145 3.04 9.33 4.57
C HIS E 145 2.56 8.82 3.21
N LEU E 146 3.06 9.39 2.13
CA LEU E 146 2.67 8.98 0.78
C LEU E 146 3.18 7.63 0.37
N LYS E 147 4.14 7.08 1.12
CA LYS E 147 4.64 5.76 0.85
C LYS E 147 3.54 4.72 1.07
N HIS E 148 2.65 4.95 2.06
CA HIS E 148 1.57 4.06 2.48
C HIS E 148 0.13 4.58 2.27
N HIS E 149 -0.01 5.77 1.68
CA HIS E 149 -1.32 6.34 1.41
C HIS E 149 -1.32 6.91 0.02
N ASN E 150 -2.42 6.64 -0.73
CA ASN E 150 -2.65 7.06 -2.11
C ASN E 150 -2.75 8.56 -2.25
N TRP E 151 -3.37 9.21 -1.28
CA TRP E 151 -3.60 10.65 -1.17
C TRP E 151 -3.36 11.00 0.29
N LEU E 152 -3.24 12.30 0.62
CA LEU E 152 -2.95 12.71 1.99
C LEU E 152 -4.00 12.29 3.00
N ALA E 153 -5.28 12.53 2.71
CA ALA E 153 -6.38 12.19 3.64
C ALA E 153 -7.35 11.19 3.06
N ASN E 154 -7.76 10.19 3.86
CA ASN E 154 -8.79 9.19 3.58
C ASN E 154 -8.61 8.36 2.30
N GLY E 155 -7.37 8.30 1.78
CA GLY E 155 -7.03 7.58 0.55
C GLY E 155 -7.76 8.09 -0.68
N GLN E 156 -8.26 9.35 -0.63
CA GLN E 156 -9.00 10.03 -1.70
C GLN E 156 -8.53 11.45 -1.82
N ARG E 157 -8.46 11.97 -3.05
CA ARG E 157 -8.03 13.37 -3.30
C ARG E 157 -8.92 14.41 -2.63
N SER E 158 -8.29 15.46 -2.10
CA SER E 158 -8.96 16.54 -1.37
C SER E 158 -8.17 17.84 -1.55
N GLY E 159 -8.64 18.93 -0.94
CA GLY E 159 -7.97 20.23 -0.93
C GLY E 159 -6.59 20.20 -0.33
N ALA E 160 -6.33 19.18 0.55
CA ALA E 160 -5.06 18.91 1.20
C ALA E 160 -4.00 18.61 0.12
N ASP E 161 -4.37 17.78 -0.88
CA ASP E 161 -3.51 17.39 -2.01
C ASP E 161 -3.20 18.56 -2.92
N ALA E 162 -4.24 19.39 -3.21
CA ALA E 162 -4.09 20.60 -4.02
C ALA E 162 -3.10 21.56 -3.38
N TYR E 163 -3.21 21.80 -2.05
CA TYR E 163 -2.33 22.70 -1.29
C TYR E 163 -0.89 22.18 -1.26
N LEU E 164 -0.70 20.89 -0.94
CA LEU E 164 0.65 20.32 -0.91
C LEU E 164 1.34 20.50 -2.26
N TYR E 165 0.64 20.15 -3.34
CA TYR E 165 1.15 20.30 -4.71
C TYR E 165 1.66 21.76 -5.01
N VAL E 166 0.90 22.77 -4.60
CA VAL E 166 1.22 24.17 -4.85
C VAL E 166 2.50 24.58 -4.11
N THR E 167 2.72 24.02 -2.92
CA THR E 167 3.91 24.33 -2.15
C THR E 167 5.12 23.74 -2.84
N LEU E 168 4.94 22.53 -3.44
CA LEU E 168 5.97 21.79 -4.17
C LEU E 168 6.48 22.53 -5.40
N ARG E 169 5.60 23.30 -6.05
CA ARG E 169 5.94 24.18 -7.18
C ARG E 169 6.90 25.28 -6.68
N TRP E 170 6.69 25.81 -5.44
CA TRP E 170 7.58 26.82 -4.84
C TRP E 170 8.93 26.21 -4.52
N ALA E 171 8.93 24.97 -3.97
CA ALA E 171 10.13 24.18 -3.65
C ALA E 171 11.08 24.09 -4.82
N LYS E 172 10.53 23.80 -6.01
CA LYS E 172 11.28 23.69 -7.25
C LYS E 172 11.84 25.02 -7.72
N LYS E 173 11.15 26.13 -7.38
CA LYS E 173 11.57 27.50 -7.75
C LYS E 173 12.62 28.09 -6.80
N VAL E 174 12.59 27.71 -5.51
CA VAL E 174 13.50 28.26 -4.50
C VAL E 174 14.64 27.34 -4.02
N GLY E 175 14.82 26.22 -4.70
CA GLY E 175 15.91 25.29 -4.43
C GLY E 175 15.78 24.37 -3.22
N VAL E 176 14.56 24.01 -2.84
CA VAL E 176 14.36 23.07 -1.74
C VAL E 176 14.73 21.68 -2.29
N ASP E 177 15.60 20.95 -1.57
CA ASP E 177 16.05 19.61 -1.93
C ASP E 177 14.92 18.59 -1.75
N LEU E 178 14.42 18.02 -2.86
CA LEU E 178 13.34 17.05 -2.83
C LEU E 178 13.83 15.67 -3.28
N SER E 179 15.17 15.51 -3.38
CA SER E 179 15.81 14.27 -3.81
C SER E 179 15.56 13.13 -2.81
N SER E 180 15.42 11.91 -3.36
CA SER E 180 15.15 10.65 -2.67
C SER E 180 13.73 10.57 -2.06
N LEU E 181 12.87 11.55 -2.38
CA LEU E 181 11.49 11.62 -1.91
C LEU E 181 10.60 11.13 -3.06
N ASP E 182 10.67 9.82 -3.31
CA ASP E 182 10.03 9.08 -4.40
C ASP E 182 8.52 9.03 -4.34
N ALA E 183 7.94 8.91 -3.15
CA ALA E 183 6.48 8.89 -3.01
C ALA E 183 5.93 10.30 -3.29
N LEU E 184 6.72 11.33 -2.87
CA LEU E 184 6.39 12.74 -3.06
C LEU E 184 6.50 13.20 -4.53
N SER E 185 7.53 12.74 -5.26
CA SER E 185 7.71 13.05 -6.68
C SER E 185 6.66 12.32 -7.56
N ALA E 186 6.29 11.08 -7.20
CA ALA E 186 5.25 10.32 -7.92
C ALA E 186 3.90 11.03 -7.72
N PHE E 187 3.69 11.66 -6.52
CA PHE E 187 2.48 12.44 -6.19
C PHE E 187 2.46 13.71 -7.07
N PHE E 188 3.62 14.42 -7.16
CA PHE E 188 3.79 15.65 -7.95
C PHE E 188 3.46 15.38 -9.41
N GLU E 189 3.93 14.25 -9.94
CA GLU E 189 3.69 13.79 -11.32
C GLU E 189 2.21 13.47 -11.55
N ARG E 190 1.52 12.78 -10.58
CA ARG E 190 0.07 12.47 -10.70
C ARG E 190 -0.82 13.69 -10.66
N MET E 191 -0.35 14.73 -9.96
CA MET E 191 -1.02 16.03 -9.90
C MET E 191 -0.89 16.74 -11.26
N GLU E 192 0.33 16.86 -11.81
CA GLU E 192 0.57 17.51 -13.10
C GLU E 192 -0.06 16.79 -14.31
N ALA E 193 -0.42 15.49 -14.16
CA ALA E 193 -1.09 14.67 -15.16
C ALA E 193 -2.62 14.83 -15.05
N ASP E 194 -3.09 15.46 -13.95
CA ASP E 194 -4.51 15.68 -13.70
C ASP E 194 -5.07 16.79 -14.60
N PRO E 195 -6.22 16.54 -15.28
CA PRO E 195 -6.79 17.57 -16.17
C PRO E 195 -7.26 18.85 -15.47
N GLY E 196 -7.75 18.75 -14.23
CA GLY E 196 -8.16 19.90 -13.41
C GLY E 196 -6.97 20.77 -12.99
N VAL E 197 -5.83 20.14 -12.63
CA VAL E 197 -4.57 20.82 -12.29
C VAL E 197 -4.05 21.56 -13.53
N GLN E 198 -4.02 20.85 -14.70
CA GLN E 198 -3.56 21.41 -15.99
C GLN E 198 -4.40 22.61 -16.42
N ALA E 199 -5.75 22.51 -16.32
CA ALA E 199 -6.69 23.58 -16.64
C ALA E 199 -6.40 24.82 -15.77
N ALA E 200 -6.11 24.61 -14.47
CA ALA E 200 -5.76 25.67 -13.53
C ALA E 200 -4.43 26.35 -13.90
N LEU E 201 -3.36 25.55 -14.11
CA LEU E 201 -2.01 26.02 -14.50
C LEU E 201 -2.07 26.83 -15.78
N GLN E 202 -2.84 26.34 -16.77
CA GLN E 202 -3.00 26.99 -18.06
C GLN E 202 -3.74 28.33 -17.93
N ALA E 203 -4.87 28.36 -17.19
CA ALA E 203 -5.69 29.57 -16.94
C ALA E 203 -4.87 30.65 -16.23
N GLU E 204 -3.92 30.24 -15.38
CA GLU E 204 -3.02 31.13 -14.66
C GLU E 204 -1.77 31.51 -15.47
N GLY E 205 -1.62 30.91 -16.67
CA GLY E 205 -0.51 31.18 -17.58
C GLY E 205 0.80 30.59 -17.09
N LEU E 206 0.71 29.45 -16.37
CA LEU E 206 1.84 28.73 -15.80
C LEU E 206 2.32 27.62 -16.71
N ILE E 207 1.43 27.11 -17.60
CA ILE E 207 1.75 26.12 -18.64
C ILE E 207 1.25 26.55 -20.01
N HIS F 2 -13.51 9.39 27.23
CA HIS F 2 -12.52 8.52 26.58
C HIS F 2 -11.42 9.31 25.85
N MET F 3 -11.74 10.53 25.31
CA MET F 3 -10.83 11.43 24.60
C MET F 3 -9.69 11.88 25.49
N LYS F 4 -8.47 11.88 24.97
CA LYS F 4 -7.31 12.31 25.71
C LYS F 4 -6.61 13.42 24.92
N LEU F 5 -6.58 14.63 25.50
CA LEU F 5 -5.90 15.76 24.87
C LEU F 5 -4.50 15.86 25.47
N TYR F 6 -3.46 15.94 24.59
CA TYR F 6 -2.04 16.03 24.95
C TYR F 6 -1.66 17.50 24.90
N ILE F 7 -1.23 18.01 26.05
CA ILE F 7 -0.91 19.42 26.23
C ILE F 7 0.46 19.68 26.81
N MET F 8 0.88 20.93 26.67
CA MET F 8 2.00 21.56 27.32
C MET F 8 1.37 22.84 27.90
N PRO F 9 1.51 23.12 29.22
CA PRO F 9 0.85 24.32 29.78
C PRO F 9 1.17 25.64 29.07
N GLY F 10 0.10 26.34 28.67
CA GLY F 10 0.20 27.63 28.00
C GLY F 10 0.53 27.59 26.52
N ALA F 11 0.79 26.39 25.96
CA ALA F 11 1.09 26.20 24.53
C ALA F 11 -0.19 26.33 23.70
N CYS F 12 -0.08 26.24 22.37
CA CYS F 12 -1.20 26.35 21.43
C CYS F 12 -2.30 25.36 21.74
N SER F 13 -1.95 24.21 22.37
CA SER F 13 -2.86 23.15 22.80
C SER F 13 -3.85 23.64 23.90
N LEU F 14 -3.63 24.85 24.48
CA LEU F 14 -4.55 25.46 25.46
C LEU F 14 -5.85 25.88 24.71
N ALA F 15 -5.76 26.20 23.41
CA ALA F 15 -6.89 26.59 22.57
C ALA F 15 -7.90 25.43 22.46
N ASP F 16 -7.38 24.20 22.27
CA ASP F 16 -8.16 22.95 22.16
C ASP F 16 -8.76 22.58 23.49
N HIS F 17 -8.00 22.82 24.57
CA HIS F 17 -8.39 22.62 25.97
C HIS F 17 -9.58 23.50 26.31
N ILE F 18 -9.49 24.82 26.01
CA ILE F 18 -10.56 25.80 26.20
C ILE F 18 -11.83 25.36 25.46
N LEU F 19 -11.71 24.97 24.17
CA LEU F 19 -12.83 24.50 23.36
C LEU F 19 -13.45 23.21 23.90
N LEU F 20 -12.62 22.26 24.38
CA LEU F 20 -13.12 21.03 25.01
C LEU F 20 -13.98 21.33 26.24
N ARG F 21 -13.59 22.35 27.04
N ARG F 21 -13.59 22.35 27.03
CA ARG F 21 -14.38 22.76 28.20
CA ARG F 21 -14.33 22.80 28.22
C ARG F 21 -15.70 23.40 27.78
C ARG F 21 -15.68 23.42 27.80
N TRP F 22 -15.66 24.26 26.73
CA TRP F 22 -16.83 24.92 26.13
C TRP F 22 -17.82 23.92 25.56
N SER F 23 -17.33 22.81 24.99
CA SER F 23 -18.12 21.76 24.37
C SER F 23 -18.90 20.90 25.37
N GLY F 24 -18.43 20.85 26.60
CA GLY F 24 -19.05 20.07 27.66
C GLY F 24 -18.71 18.60 27.59
N SER F 25 -17.81 18.21 26.68
CA SER F 25 -17.32 16.86 26.47
C SER F 25 -16.46 16.37 27.65
N SER F 26 -16.49 15.06 27.88
CA SER F 26 -15.68 14.38 28.88
C SER F 26 -14.33 14.12 28.20
N PHE F 27 -13.25 14.44 28.89
CA PHE F 27 -11.91 14.29 28.35
C PHE F 27 -10.87 14.17 29.45
N ASP F 28 -9.75 13.55 29.10
CA ASP F 28 -8.62 13.38 29.99
C ASP F 28 -7.49 14.24 29.45
N LEU F 29 -6.71 14.79 30.34
CA LEU F 29 -5.58 15.62 29.98
C LEU F 29 -4.27 14.84 30.16
N GLN F 30 -3.33 15.02 29.23
CA GLN F 30 -2.02 14.39 29.34
C GLN F 30 -0.98 15.49 29.20
N PHE F 31 -0.30 15.76 30.33
CA PHE F 31 0.71 16.80 30.47
C PHE F 31 2.07 16.40 29.94
N LEU F 32 2.67 17.30 29.15
CA LEU F 32 3.97 17.08 28.51
C LEU F 32 4.95 18.24 28.74
N ASP F 33 6.25 17.93 28.58
CA ASP F 33 7.40 18.83 28.70
C ASP F 33 8.05 18.94 27.33
N HIS F 34 9.06 19.83 27.18
CA HIS F 34 9.83 19.93 25.94
C HIS F 34 10.68 18.65 25.79
N GLN F 35 10.88 17.94 26.94
CA GLN F 35 11.61 16.67 27.05
C GLN F 35 10.66 15.48 26.83
N SER F 36 9.50 15.51 27.54
CA SER F 36 8.42 14.51 27.51
C SER F 36 7.79 14.36 26.12
N MET F 37 7.82 15.43 25.30
CA MET F 37 7.34 15.46 23.91
C MET F 37 8.30 14.69 22.99
N LYS F 38 9.63 14.82 23.26
CA LYS F 38 10.74 14.20 22.55
C LYS F 38 10.97 12.73 22.94
N ALA F 39 10.12 12.20 23.86
CA ALA F 39 10.19 10.82 24.36
C ALA F 39 9.55 9.84 23.36
N PRO F 40 10.05 8.58 23.23
CA PRO F 40 9.49 7.65 22.23
C PRO F 40 8.02 7.24 22.38
N GLU F 41 7.47 7.31 23.62
CA GLU F 41 6.07 6.96 23.93
C GLU F 41 5.09 7.91 23.22
N TYR F 42 5.37 9.24 23.27
CA TYR F 42 4.55 10.25 22.61
C TYR F 42 4.89 10.35 21.10
N LEU F 43 6.17 10.11 20.73
CA LEU F 43 6.61 10.11 19.33
C LEU F 43 5.96 8.98 18.52
N ALA F 44 5.44 7.94 19.22
CA ALA F 44 4.71 6.83 18.62
C ALA F 44 3.29 7.31 18.23
N LEU F 45 2.74 8.27 19.00
CA LEU F 45 1.41 8.87 18.76
C LEU F 45 1.51 10.01 17.74
N ASN F 46 2.44 10.96 17.95
CA ASN F 46 2.71 12.07 17.03
C ASN F 46 4.22 12.10 16.72
N PRO F 47 4.65 11.60 15.53
CA PRO F 47 6.09 11.62 15.18
C PRO F 47 6.70 13.02 15.05
N SER F 48 5.86 14.05 14.83
CA SER F 48 6.27 15.45 14.73
C SER F 48 6.78 16.01 16.08
N GLY F 49 6.47 15.31 17.19
CA GLY F 49 6.88 15.63 18.55
C GLY F 49 6.45 17.01 19.00
N ALA F 50 5.18 17.35 18.71
CA ALA F 50 4.58 18.65 19.01
C ALA F 50 3.17 18.51 19.53
N VAL F 51 2.75 19.46 20.34
CA VAL F 51 1.39 19.50 20.86
C VAL F 51 0.61 20.52 19.97
N PRO F 52 -0.71 20.42 19.84
CA PRO F 52 -1.62 19.42 20.43
C PRO F 52 -1.70 18.08 19.70
N ALA F 53 -2.29 17.11 20.40
CA ALA F 53 -2.65 15.80 19.90
C ALA F 53 -3.93 15.43 20.62
N LEU F 54 -4.93 14.96 19.89
CA LEU F 54 -6.19 14.51 20.47
C LEU F 54 -6.38 13.05 20.13
N GLN F 55 -6.41 12.20 21.15
CA GLN F 55 -6.61 10.78 20.96
C GLN F 55 -8.06 10.41 21.22
N VAL F 56 -8.72 9.81 20.21
CA VAL F 56 -10.11 9.36 20.30
C VAL F 56 -10.02 7.87 20.01
N GLY F 57 -9.96 7.09 21.09
CA GLY F 57 -9.76 5.65 21.02
C GLY F 57 -8.33 5.38 20.60
N ASP F 58 -8.15 4.67 19.49
CA ASP F 58 -6.82 4.39 18.95
C ASP F 58 -6.38 5.45 17.88
N TRP F 59 -7.33 6.26 17.38
CA TRP F 59 -7.09 7.33 16.40
C TRP F 59 -6.50 8.58 17.11
N VAL F 60 -5.34 9.09 16.58
CA VAL F 60 -4.64 10.29 17.07
C VAL F 60 -4.72 11.40 16.00
N LEU F 61 -5.34 12.54 16.33
CA LEU F 61 -5.46 13.71 15.45
C LEU F 61 -4.40 14.74 15.85
N THR F 62 -3.75 15.43 14.88
CA THR F 62 -2.68 16.36 15.25
C THR F 62 -2.81 17.84 14.93
N GLN F 63 -3.64 18.25 14.03
CA GLN F 63 -3.49 19.71 13.86
C GLN F 63 -4.42 20.58 14.70
N ASN F 64 -3.91 21.68 15.30
CA ASN F 64 -4.72 22.61 16.11
C ASN F 64 -6.02 22.98 15.36
N ALA F 65 -5.89 23.36 14.06
CA ALA F 65 -7.04 23.69 13.20
C ALA F 65 -7.99 22.46 13.03
N ALA F 66 -7.39 21.25 12.88
CA ALA F 66 -8.13 19.99 12.73
C ALA F 66 -8.83 19.61 14.02
N ILE F 67 -8.12 19.70 15.16
CA ILE F 67 -8.63 19.39 16.52
C ILE F 67 -9.77 20.33 16.90
N LEU F 68 -9.58 21.65 16.71
CA LEU F 68 -10.59 22.67 16.98
C LEU F 68 -11.86 22.40 16.18
N ASN F 69 -11.72 22.05 14.90
CA ASN F 69 -12.86 21.76 14.05
C ASN F 69 -13.56 20.46 14.43
N TYR F 70 -12.79 19.44 14.83
CA TYR F 70 -13.31 18.16 15.30
C TYR F 70 -14.14 18.36 16.59
N ILE F 71 -13.59 19.08 17.57
CA ILE F 71 -14.31 19.39 18.84
C ILE F 71 -15.63 20.11 18.51
N THR F 72 -15.59 21.10 17.59
CA THR F 72 -16.77 21.84 17.14
C THR F 72 -17.82 20.89 16.55
N ASP F 73 -17.39 19.99 15.67
CA ASP F 73 -18.23 19.01 14.99
C ASP F 73 -18.96 18.03 15.92
N ILE F 74 -18.30 17.63 17.02
CA ILE F 74 -18.87 16.68 18.00
C ILE F 74 -19.68 17.36 19.13
N ALA F 75 -19.48 18.67 19.34
CA ALA F 75 -20.17 19.44 20.38
C ALA F 75 -21.67 19.53 20.08
N PRO F 76 -22.55 19.42 21.11
CA PRO F 76 -23.99 19.60 20.87
C PRO F 76 -24.26 20.99 20.31
N ALA F 77 -25.16 21.11 19.32
CA ALA F 77 -25.56 22.37 18.68
C ALA F 77 -25.98 23.44 19.74
N GLU F 78 -26.56 22.99 20.87
CA GLU F 78 -27.00 23.79 22.02
C GLU F 78 -25.85 24.69 22.57
N ARG F 79 -24.59 24.20 22.50
CA ARG F 79 -23.36 24.87 22.96
C ARG F 79 -23.07 26.14 22.18
N GLY F 80 -23.57 26.19 20.96
CA GLY F 80 -23.39 27.32 20.06
C GLY F 80 -21.96 27.56 19.62
N LEU F 81 -21.19 26.49 19.35
CA LEU F 81 -19.79 26.61 18.92
C LEU F 81 -19.61 26.59 17.39
N SER F 82 -20.70 26.35 16.62
CA SER F 82 -20.74 26.34 15.15
C SER F 82 -21.59 27.49 14.56
N GLY F 83 -21.99 28.43 15.40
CA GLY F 83 -22.87 29.54 15.05
C GLY F 83 -24.22 28.95 14.69
N ASP F 84 -24.79 29.35 13.54
CA ASP F 84 -26.08 28.78 13.09
C ASP F 84 -25.89 27.42 12.38
N GLY F 85 -24.63 26.99 12.26
CA GLY F 85 -24.27 25.72 11.66
C GLY F 85 -24.23 25.69 10.15
N SER F 86 -24.45 26.85 9.51
CA SER F 86 -24.41 26.99 8.06
C SER F 86 -22.96 26.96 7.57
N LEU F 87 -22.81 26.91 6.23
CA LEU F 87 -21.51 26.89 5.56
C LEU F 87 -20.77 28.21 5.79
N LYS F 88 -21.50 29.35 5.72
CA LYS F 88 -20.98 30.69 6.00
C LYS F 88 -20.48 30.77 7.44
N ALA F 89 -21.25 30.21 8.41
CA ALA F 89 -20.88 30.23 9.81
C ALA F 89 -19.61 29.42 10.08
N ARG F 90 -19.47 28.26 9.43
CA ARG F 90 -18.28 27.41 9.57
C ARG F 90 -17.06 28.03 8.92
N ALA F 91 -17.28 28.74 7.79
CA ALA F 91 -16.24 29.45 7.06
C ALA F 91 -15.76 30.69 7.83
N GLU F 92 -16.65 31.37 8.58
CA GLU F 92 -16.28 32.50 9.44
C GLU F 92 -15.38 32.02 10.58
N ILE F 93 -15.70 30.88 11.20
CA ILE F 93 -14.91 30.25 12.26
C ILE F 93 -13.55 29.86 11.67
N ASN F 94 -13.55 29.18 10.49
CA ASN F 94 -12.34 28.73 9.82
C ASN F 94 -11.37 29.84 9.43
N ARG F 95 -11.91 30.99 8.94
CA ARG F 95 -11.07 32.13 8.55
C ARG F 95 -10.33 32.73 9.75
N TRP F 96 -11.00 32.84 10.89
CA TRP F 96 -10.42 33.34 12.14
C TRP F 96 -9.51 32.30 12.83
N ILE F 97 -9.79 30.99 12.68
CA ILE F 97 -8.89 29.94 13.19
C ILE F 97 -7.58 30.02 12.36
N ALA F 98 -7.72 30.14 11.00
CA ALA F 98 -6.58 30.22 10.08
C ALA F 98 -5.73 31.46 10.27
N PHE F 99 -6.37 32.58 10.72
CA PHE F 99 -5.70 33.83 11.03
C PHE F 99 -4.72 33.61 12.15
N SER F 100 -5.15 32.98 13.26
CA SER F 100 -4.21 32.68 14.35
C SER F 100 -3.23 31.59 13.98
N ASN F 101 -3.74 30.52 13.35
CA ASN F 101 -2.97 29.35 12.97
C ASN F 101 -1.83 29.58 11.99
N SER F 102 -2.12 30.30 10.90
CA SER F 102 -1.19 30.50 9.81
C SER F 102 -0.62 31.93 9.63
N ASP F 103 -1.21 32.93 10.31
CA ASP F 103 -0.69 34.29 10.22
C ASP F 103 -0.03 34.70 11.53
N VAL F 104 -0.75 34.57 12.66
CA VAL F 104 -0.26 34.97 13.97
C VAL F 104 0.78 34.00 14.52
N HIS F 105 0.40 32.72 14.73
CA HIS F 105 1.26 31.69 15.33
C HIS F 105 2.67 31.60 14.68
N PRO F 106 2.83 31.48 13.34
CA PRO F 106 4.20 31.41 12.77
C PRO F 106 5.05 32.67 12.94
N MET F 107 4.41 33.83 13.14
CA MET F 107 5.14 35.08 13.36
C MET F 107 5.82 35.09 14.76
N TYR F 108 5.43 34.15 15.63
CA TYR F 108 6.03 33.99 16.95
C TYR F 108 7.31 33.16 16.92
N TRP F 109 7.61 32.48 15.78
CA TRP F 109 8.79 31.62 15.63
C TRP F 109 10.09 32.22 16.10
N ALA F 110 10.36 33.49 15.72
CA ALA F 110 11.55 34.27 16.09
C ALA F 110 11.49 34.62 17.58
N LEU F 111 10.25 34.67 18.13
CA LEU F 111 10.06 34.98 19.54
C LEU F 111 10.19 33.76 20.47
N PHE F 112 10.32 32.55 19.88
CA PHE F 112 10.44 31.29 20.61
C PHE F 112 11.67 30.48 20.17
N GLY F 113 12.77 31.19 19.89
CA GLY F 113 14.06 30.58 19.53
C GLY F 113 14.27 30.08 18.12
N GLY F 114 13.33 30.39 17.21
CA GLY F 114 13.35 29.93 15.83
C GLY F 114 14.45 30.51 14.96
N THR F 115 15.03 31.65 15.38
CA THR F 115 16.11 32.31 14.64
C THR F 115 17.50 32.18 15.30
N ALA F 116 17.67 31.18 16.21
CA ALA F 116 18.96 30.94 16.89
C ALA F 116 20.11 30.63 15.91
N TYR F 117 19.78 30.03 14.75
CA TYR F 117 20.71 29.68 13.67
C TYR F 117 21.49 30.91 13.15
N LEU F 118 20.93 32.14 13.35
CA LEU F 118 21.55 33.39 12.91
C LEU F 118 22.89 33.61 13.59
N GLN F 119 23.02 33.14 14.85
CA GLN F 119 24.30 33.16 15.59
C GLN F 119 24.92 34.57 15.67
N ASP F 120 24.07 35.56 15.77
CA ASP F 120 24.49 36.91 15.96
C ASP F 120 23.48 37.51 16.88
N PRO F 121 23.93 37.96 18.04
CA PRO F 121 22.96 38.52 19.00
C PRO F 121 22.13 39.68 18.43
N GLN F 122 22.75 40.62 17.69
CA GLN F 122 22.08 41.76 17.05
C GLN F 122 21.08 41.29 15.97
N MET F 123 21.47 40.27 15.17
CA MET F 123 20.63 39.71 14.12
C MET F 123 19.41 38.99 14.70
N ILE F 124 19.62 38.20 15.77
CA ILE F 124 18.56 37.50 16.50
C ILE F 124 17.56 38.51 17.08
N ALA F 125 18.08 39.62 17.67
CA ALA F 125 17.27 40.70 18.23
C ALA F 125 16.43 41.43 17.15
N ARG F 126 17.01 41.64 15.94
CA ARG F 126 16.32 42.23 14.78
C ARG F 126 15.18 41.32 14.35
N SER F 127 15.43 39.99 14.39
CA SER F 127 14.45 38.98 14.01
C SER F 127 13.27 38.99 14.95
N GLN F 128 13.52 39.28 16.25
CA GLN F 128 12.50 39.39 17.30
C GLN F 128 11.70 40.68 17.15
N ASP F 129 12.39 41.80 16.85
CA ASP F 129 11.77 43.10 16.62
C ASP F 129 10.84 43.06 15.42
N ASN F 130 11.26 42.42 14.33
CA ASN F 130 10.49 42.22 13.10
C ASN F 130 9.20 41.45 13.39
N ALA F 131 9.33 40.33 14.13
CA ALA F 131 8.21 39.48 14.56
C ALA F 131 7.19 40.32 15.37
N ARG F 132 7.67 41.15 16.32
CA ARG F 132 6.82 42.02 17.17
C ARG F 132 6.12 43.11 16.35
N GLN F 133 6.80 43.67 15.31
CA GLN F 133 6.24 44.70 14.43
C GLN F 133 5.14 44.13 13.55
N LYS F 134 5.36 42.91 13.01
CA LYS F 134 4.41 42.24 12.13
C LYS F 134 3.19 41.80 12.91
N LEU F 135 3.44 41.34 14.14
CA LEU F 135 2.41 40.87 15.07
C LEU F 135 1.49 41.97 15.51
N ARG F 136 2.04 43.17 15.70
CA ARG F 136 1.35 44.42 16.05
C ARG F 136 0.38 44.78 14.92
N VAL F 137 0.83 44.65 13.64
CA VAL F 137 0.00 44.90 12.46
C VAL F 137 -1.23 43.93 12.46
N LEU F 138 -0.95 42.64 12.70
CA LEU F 138 -1.96 41.58 12.72
C LEU F 138 -2.95 41.78 13.86
N TYR F 139 -2.47 42.21 15.04
CA TYR F 139 -3.29 42.47 16.19
C TYR F 139 -4.14 43.72 16.05
N GLN F 140 -3.68 44.71 15.24
CA GLN F 140 -4.43 45.94 14.93
C GLN F 140 -5.64 45.59 14.08
N ARG F 141 -5.48 44.63 13.19
CA ARG F 141 -6.48 44.07 12.27
C ARG F 141 -7.56 43.35 13.11
N ALA F 142 -7.13 42.49 14.05
CA ALA F 142 -8.02 41.77 14.99
C ALA F 142 -8.78 42.77 15.90
N ASP F 143 -8.07 43.82 16.36
CA ASP F 143 -8.64 44.86 17.20
C ASP F 143 -9.72 45.65 16.43
N ALA F 144 -9.46 45.99 15.15
CA ALA F 144 -10.42 46.70 14.28
C ALA F 144 -11.72 45.87 14.11
N HIS F 145 -11.56 44.53 14.00
CA HIS F 145 -12.68 43.60 13.86
C HIS F 145 -13.45 43.50 15.18
N LEU F 146 -12.72 43.43 16.29
CA LEU F 146 -13.31 43.34 17.63
C LEU F 146 -13.96 44.62 18.17
N LYS F 147 -13.74 45.77 17.50
CA LYS F 147 -14.34 47.05 17.86
C LYS F 147 -15.85 46.97 17.72
N HIS F 148 -16.31 46.18 16.73
CA HIS F 148 -17.74 46.05 16.43
C HIS F 148 -18.30 44.62 16.57
N HIS F 149 -17.51 43.70 17.18
CA HIS F 149 -17.90 42.30 17.37
C HIS F 149 -17.35 41.79 18.70
N ASN F 150 -18.15 41.09 19.51
CA ASN F 150 -17.64 40.57 20.80
C ASN F 150 -16.84 39.30 20.60
N TRP F 151 -17.22 38.55 19.54
CA TRP F 151 -16.55 37.32 19.17
C TRP F 151 -16.09 37.46 17.75
N LEU F 152 -15.04 36.72 17.38
CA LEU F 152 -14.44 36.79 16.04
C LEU F 152 -15.39 36.40 14.92
N ALA F 153 -16.06 35.26 15.08
CA ALA F 153 -16.97 34.72 14.07
C ALA F 153 -18.38 34.59 14.58
N ASN F 154 -19.35 34.97 13.71
CA ASN F 154 -20.80 34.84 13.92
C ASN F 154 -21.38 35.43 15.22
N GLY F 155 -20.64 36.35 15.85
CA GLY F 155 -21.05 37.00 17.11
C GLY F 155 -21.24 36.02 18.26
N GLN F 156 -20.63 34.84 18.17
CA GLN F 156 -20.74 33.76 19.16
C GLN F 156 -19.36 33.14 19.35
N ARG F 157 -19.03 32.68 20.57
CA ARG F 157 -17.73 32.04 20.86
C ARG F 157 -17.47 30.76 20.09
N SER F 158 -16.25 30.65 19.57
CA SER F 158 -15.84 29.50 18.78
C SER F 158 -14.35 29.20 19.06
N GLY F 159 -13.81 28.18 18.39
CA GLY F 159 -12.40 27.82 18.51
C GLY F 159 -11.46 28.93 18.05
N ALA F 160 -11.98 29.83 17.18
CA ALA F 160 -11.29 31.00 16.66
C ALA F 160 -10.88 31.93 17.82
N ASP F 161 -11.83 32.16 18.75
CA ASP F 161 -11.66 33.00 19.95
C ASP F 161 -10.65 32.39 20.88
N ALA F 162 -10.76 31.07 21.11
CA ALA F 162 -9.86 30.31 21.97
C ALA F 162 -8.40 30.43 21.46
N TYR F 163 -8.19 30.26 20.15
CA TYR F 163 -6.86 30.33 19.54
C TYR F 163 -6.29 31.77 19.59
N LEU F 164 -7.08 32.79 19.18
CA LEU F 164 -6.60 34.17 19.28
C LEU F 164 -6.14 34.51 20.71
N TYR F 165 -6.97 34.14 21.70
CA TYR F 165 -6.69 34.38 23.11
C TYR F 165 -5.34 33.80 23.56
N VAL F 166 -5.02 32.54 23.14
CA VAL F 166 -3.79 31.83 23.51
C VAL F 166 -2.56 32.56 22.97
N THR F 167 -2.67 33.18 21.77
CA THR F 167 -1.56 33.93 21.17
C THR F 167 -1.32 35.19 22.02
N LEU F 168 -2.42 35.81 22.48
CA LEU F 168 -2.40 37.01 23.30
C LEU F 168 -1.68 36.81 24.63
N ARG F 169 -1.76 35.59 25.20
CA ARG F 169 -1.02 35.16 26.39
C ARG F 169 0.48 35.15 26.07
N TRP F 170 0.88 34.69 24.84
CA TRP F 170 2.28 34.68 24.40
C TRP F 170 2.79 36.12 24.22
N ALA F 171 1.94 37.01 23.63
CA ALA F 171 2.22 38.41 23.41
C ALA F 171 2.70 39.10 24.73
N LYS F 172 1.97 38.82 25.83
CA LYS F 172 2.23 39.30 27.19
C LYS F 172 3.47 38.65 27.85
N LYS F 173 4.03 37.63 27.22
CA LYS F 173 5.24 36.98 27.75
C LYS F 173 6.49 37.37 26.95
N VAL F 174 6.33 37.63 25.64
CA VAL F 174 7.43 37.93 24.70
C VAL F 174 7.57 39.39 24.22
N GLY F 175 6.87 40.29 24.90
CA GLY F 175 7.00 41.73 24.68
C GLY F 175 6.31 42.32 23.48
N VAL F 176 5.23 41.70 22.98
CA VAL F 176 4.47 42.29 21.87
C VAL F 176 3.64 43.44 22.46
N ASP F 177 3.80 44.66 21.91
CA ASP F 177 3.06 45.83 22.41
C ASP F 177 1.60 45.76 21.97
N LEU F 178 0.68 45.67 22.92
CA LEU F 178 -0.76 45.58 22.62
C LEU F 178 -1.51 46.82 23.12
N SER F 179 -0.74 47.86 23.48
CA SER F 179 -1.27 49.11 24.03
C SER F 179 -2.05 49.87 22.95
N SER F 180 -3.21 50.42 23.34
CA SER F 180 -4.13 51.20 22.49
C SER F 180 -5.05 50.34 21.62
N LEU F 181 -4.90 49.02 21.71
CA LEU F 181 -5.77 48.07 21.05
C LEU F 181 -6.77 47.70 22.14
N ASP F 182 -7.71 48.60 22.38
CA ASP F 182 -8.72 48.52 23.42
C ASP F 182 -9.76 47.45 23.22
N ALA F 183 -10.16 47.19 21.97
CA ALA F 183 -11.16 46.17 21.69
C ALA F 183 -10.56 44.78 21.89
N LEU F 184 -9.27 44.61 21.55
CA LEU F 184 -8.53 43.37 21.74
C LEU F 184 -8.33 43.12 23.24
N SER F 185 -8.09 44.19 24.00
CA SER F 185 -7.93 44.19 25.45
C SER F 185 -9.26 43.76 26.12
N ALA F 186 -10.41 44.29 25.65
CA ALA F 186 -11.75 43.93 26.14
C ALA F 186 -12.04 42.45 25.85
N PHE F 187 -11.60 41.96 24.68
CA PHE F 187 -11.74 40.56 24.25
C PHE F 187 -10.95 39.67 25.20
N PHE F 188 -9.68 40.04 25.50
CA PHE F 188 -8.80 39.31 26.41
C PHE F 188 -9.44 39.21 27.80
N GLU F 189 -10.07 40.30 28.28
CA GLU F 189 -10.78 40.36 29.57
C GLU F 189 -12.04 39.49 29.57
N ARG F 190 -12.82 39.48 28.47
CA ARG F 190 -14.03 38.66 28.32
C ARG F 190 -13.65 37.20 28.39
N MET F 191 -12.54 36.83 27.75
CA MET F 191 -12.03 35.47 27.74
C MET F 191 -11.63 35.02 29.15
N GLU F 192 -10.84 35.84 29.86
CA GLU F 192 -10.39 35.56 31.22
C GLU F 192 -11.50 35.50 32.25
N ALA F 193 -12.68 36.08 31.93
CA ALA F 193 -13.88 36.08 32.79
C ALA F 193 -14.76 34.89 32.46
N ASP F 194 -14.43 34.17 31.38
CA ASP F 194 -15.19 32.98 30.95
C ASP F 194 -14.89 31.78 31.86
N PRO F 195 -15.93 31.06 32.33
CA PRO F 195 -15.69 29.91 33.23
C PRO F 195 -14.88 28.76 32.62
N GLY F 196 -15.08 28.50 31.35
CA GLY F 196 -14.36 27.46 30.64
C GLY F 196 -12.89 27.77 30.46
N VAL F 197 -12.57 29.06 30.19
CA VAL F 197 -11.19 29.56 30.06
C VAL F 197 -10.47 29.41 31.40
N GLN F 198 -11.15 29.85 32.51
CA GLN F 198 -10.65 29.79 33.89
C GLN F 198 -10.33 28.37 34.32
N ALA F 199 -11.26 27.44 34.08
CA ALA F 199 -11.12 26.02 34.37
C ALA F 199 -9.89 25.43 33.63
N ALA F 200 -9.70 25.81 32.35
CA ALA F 200 -8.57 25.37 31.52
C ALA F 200 -7.23 25.94 32.05
N LEU F 201 -7.16 27.26 32.29
CA LEU F 201 -5.97 27.95 32.83
C LEU F 201 -5.56 27.35 34.16
N GLN F 202 -6.55 27.10 35.07
CA GLN F 202 -6.29 26.52 36.38
C GLN F 202 -5.76 25.10 36.27
N ALA F 203 -6.40 24.23 35.44
CA ALA F 203 -5.98 22.85 35.21
C ALA F 203 -4.55 22.78 34.66
N GLU F 204 -4.15 23.78 33.86
CA GLU F 204 -2.81 23.89 33.29
C GLU F 204 -1.80 24.58 34.24
N GLY F 205 -2.29 25.05 35.40
CA GLY F 205 -1.47 25.72 36.41
C GLY F 205 -1.08 27.14 36.04
N LEU F 206 -1.89 27.80 35.22
CA LEU F 206 -1.65 29.15 34.71
C LEU F 206 -2.35 30.24 35.56
N ILE F 207 -3.29 29.83 36.43
CA ILE F 207 -4.01 30.61 37.44
C ILE F 207 -4.19 29.72 38.67
#